data_3HG4
#
_entry.id   3HG4
#
_cell.length_a   90.218
_cell.length_b   90.218
_cell.length_c   216.615
_cell.angle_alpha   90.00
_cell.angle_beta   90.00
_cell.angle_gamma   120.00
#
_symmetry.space_group_name_H-M   'P 32 2 1'
#
loop_
_entity.id
_entity.type
_entity.pdbx_description
1 polymer 'Alpha-galactosidase A'
2 branched 2-acetamido-2-deoxy-beta-D-glucopyranose-(1-4)-[alpha-L-fucopyranose-(1-6)]2-acetamido-2-deoxy-beta-D-glucopyranose
3 branched alpha-D-mannopyranose-(1-3)-[alpha-D-mannopyranose-(1-6)]beta-D-mannopyranose-(1-4)-2-acetamido-2-deoxy-beta-D-glucopyranose-(1-4)-2-acetamido-2-deoxy-beta-D-glucopyranose
4 branched 2-acetamido-2-deoxy-beta-D-glucopyranose-(1-4)-2-acetamido-2-deoxy-beta-D-glucopyranose
5 non-polymer 2-deoxy-2,2-difluoro-beta-D-lyxo-hexopyranose
6 non-polymer 'SULFATE ION'
7 non-polymer 'ACETIC ACID'
8 non-polymer 2-acetamido-2-deoxy-beta-D-glucopyranose
9 non-polymer beta-D-galactopyranose
10 water water
#
_entity_poly.entity_id   1
_entity_poly.type   'polypeptide(L)'
_entity_poly.pdbx_seq_one_letter_code
;LDNGLARTPTMGWLHWERFMCNLDCQEEPDSCISEKLFMEMAELMVSEGWKDAGYEYLCIDDCWMAPQRDSEGRLQADPQ
RFPHGIRQLANYVHSKGLKLGIYADVGNKTCAGFPGSFGYYDIDAQTFADWGVDLLKFDGCYCDSLENLADGYKHMSLAL
NRTGRSIVYSCEWPLYMWPFQKPNYTEIRQYCNHWRNFADIDDSWKSIKSILDWTSFNQERIVDVAGPGGWNDPDMLVIG
NFGLSWNQQVTQMALWAIMAAPLFMSNDLRHISPQAKALLQDKDVIAINQDPLGKQGYQLRQGDNFEVWERPLSGLAWAV
AMINRQEIGGPRSYTIAVASLGKGVACNPACFITQLLPVKRKLGFYEWTSRLRSHINPTGTVLLQLENTMQMSLKDLL
;
_entity_poly.pdbx_strand_id   A,B
#
# COMPACT_ATOMS: atom_id res chain seq x y z
N LEU A 1 22.81 3.09 26.79
CA LEU A 1 23.91 2.23 27.31
C LEU A 1 25.27 2.86 27.05
N ASP A 2 26.01 3.09 28.13
CA ASP A 2 27.30 3.77 28.07
C ASP A 2 28.46 2.82 27.68
N ASN A 3 28.36 2.21 26.49
CA ASN A 3 29.43 1.33 26.00
C ASN A 3 30.28 1.94 24.87
N GLY A 4 30.06 3.22 24.56
CA GLY A 4 30.76 3.87 23.46
C GLY A 4 30.22 3.52 22.08
N LEU A 5 29.09 2.79 22.06
CA LEU A 5 28.49 2.33 20.81
C LEU A 5 27.16 3.01 20.57
N ALA A 6 26.66 2.88 19.34
CA ALA A 6 25.38 3.44 18.95
C ALA A 6 25.26 4.91 19.36
N ARG A 7 26.35 5.65 19.19
CA ARG A 7 26.38 7.09 19.38
C ARG A 7 25.50 7.80 18.36
N THR A 8 25.30 7.16 17.21
CA THR A 8 24.20 7.47 16.29
C THR A 8 23.41 6.16 16.11
N PRO A 9 22.12 6.26 15.71
CA PRO A 9 21.34 5.03 15.54
C PRO A 9 22.02 4.00 14.62
N THR A 10 22.07 2.75 15.07
CA THR A 10 22.68 1.65 14.31
C THR A 10 21.99 1.49 12.94
N MET A 11 22.80 1.22 11.93
CA MET A 11 22.29 1.00 10.59
C MET A 11 22.81 -0.34 10.09
N GLY A 12 21.90 -1.11 9.49
CA GLY A 12 22.27 -2.38 8.91
C GLY A 12 21.11 -3.09 8.26
N TRP A 13 21.19 -4.42 8.26
CA TRP A 13 20.22 -5.29 7.60
C TRP A 13 19.90 -6.44 8.55
N LEU A 14 18.61 -6.78 8.65
CA LEU A 14 18.15 -7.81 9.56
C LEU A 14 17.17 -8.69 8.81
N HIS A 15 17.30 -10.01 8.95
CA HIS A 15 16.58 -10.92 8.08
C HIS A 15 15.07 -11.07 8.33
N TRP A 16 14.62 -10.75 9.55
CA TRP A 16 13.33 -11.26 10.04
C TRP A 16 12.12 -11.02 9.14
N GLU A 17 11.83 -9.76 8.82
CA GLU A 17 10.58 -9.43 8.14
C GLU A 17 10.50 -10.09 6.76
N ARG A 18 11.57 -10.02 5.98
CA ARG A 18 11.56 -10.57 4.63
C ARG A 18 11.74 -12.09 4.58
N PHE A 19 12.60 -12.63 5.43
CA PHE A 19 12.97 -14.05 5.35
C PHE A 19 12.43 -14.93 6.47
N MET A 20 12.07 -14.33 7.60
CA MET A 20 11.29 -15.00 8.66
C MET A 20 12.00 -16.25 9.19
N CYS A 21 11.26 -17.33 9.39
CA CYS A 21 11.81 -18.59 9.91
C CYS A 21 11.75 -19.70 8.85
N ASN A 22 12.23 -19.40 7.66
CA ASN A 22 12.26 -20.36 6.56
C ASN A 22 13.39 -21.38 6.76
N LEU A 23 13.02 -22.61 7.10
CA LEU A 23 13.99 -23.68 7.33
C LEU A 23 14.03 -24.67 6.16
N ASP A 24 13.28 -24.36 5.11
CA ASP A 24 13.10 -25.27 3.99
C ASP A 24 14.17 -25.04 2.91
N CYS A 25 15.40 -25.47 3.20
CA CYS A 25 16.52 -25.25 2.28
C CYS A 25 16.48 -26.22 1.11
N GLN A 26 15.73 -27.30 1.26
CA GLN A 26 15.51 -28.24 0.17
C GLN A 26 14.73 -27.64 -1.00
N GLU A 27 13.57 -27.04 -0.68
CA GLU A 27 12.71 -26.49 -1.70
C GLU A 27 13.05 -25.04 -1.98
N GLU A 28 13.51 -24.32 -0.96
CA GLU A 28 13.83 -22.90 -1.09
C GLU A 28 15.26 -22.60 -0.62
N PRO A 29 16.27 -23.15 -1.32
CA PRO A 29 17.67 -22.97 -0.90
C PRO A 29 18.16 -21.51 -0.89
N ASP A 30 17.54 -20.66 -1.71
CA ASP A 30 18.01 -19.28 -1.85
C ASP A 30 17.34 -18.30 -0.89
N SER A 31 16.34 -18.76 -0.15
CA SER A 31 15.68 -17.87 0.81
C SER A 31 15.51 -18.45 2.22
N CYS A 32 15.90 -19.71 2.42
CA CYS A 32 15.91 -20.30 3.77
C CYS A 32 16.97 -19.63 4.63
N ILE A 33 16.81 -19.72 5.94
CA ILE A 33 17.76 -19.08 6.87
C ILE A 33 19.03 -19.91 6.94
N SER A 34 20.06 -19.46 6.25
CA SER A 34 21.29 -20.23 6.08
C SER A 34 22.50 -19.32 5.98
N GLU A 35 23.67 -19.90 6.16
CA GLU A 35 24.96 -19.23 6.02
C GLU A 35 25.09 -18.56 4.65
N LYS A 36 24.63 -19.26 3.61
CA LYS A 36 24.64 -18.75 2.24
C LYS A 36 23.89 -17.42 2.09
N LEU A 37 22.69 -17.35 2.66
CA LEU A 37 21.88 -16.12 2.60
C LEU A 37 22.67 -14.91 3.13
N PHE A 38 23.33 -15.09 4.27
CA PHE A 38 24.06 -13.99 4.90
C PHE A 38 25.33 -13.62 4.15
N MET A 39 25.99 -14.62 3.55
CA MET A 39 27.10 -14.39 2.63
C MET A 39 26.69 -13.52 1.45
N GLU A 40 25.58 -13.90 0.81
CA GLU A 40 25.05 -13.18 -0.35
C GLU A 40 24.74 -11.72 -0.03
N MET A 41 24.09 -11.50 1.12
CA MET A 41 23.77 -10.15 1.57
C MET A 41 25.03 -9.34 1.91
N ALA A 42 26.00 -9.97 2.56
CA ALA A 42 27.29 -9.33 2.87
C ALA A 42 27.97 -8.80 1.60
N GLU A 43 28.05 -9.66 0.59
CA GLU A 43 28.65 -9.32 -0.70
C GLU A 43 27.96 -8.11 -1.34
N LEU A 44 26.63 -8.11 -1.31
CA LEU A 44 25.87 -7.03 -1.92
C LEU A 44 25.91 -5.75 -1.11
N MET A 45 25.95 -5.87 0.22
CA MET A 45 26.11 -4.69 1.09
C MET A 45 27.38 -3.90 0.72
N VAL A 46 28.43 -4.63 0.35
CA VAL A 46 29.66 -4.02 -0.18
C VAL A 46 29.51 -3.57 -1.64
N SER A 47 29.15 -4.50 -2.53
CA SER A 47 29.19 -4.23 -3.95
C SER A 47 28.11 -3.25 -4.45
N GLU A 48 27.01 -3.15 -3.71
CA GLU A 48 25.88 -2.29 -4.12
C GLU A 48 25.77 -0.98 -3.34
N GLY A 49 26.86 -0.62 -2.66
CA GLY A 49 26.98 0.70 -2.01
C GLY A 49 26.28 0.88 -0.68
N TRP A 50 25.84 -0.22 -0.07
CA TRP A 50 25.13 -0.16 1.21
C TRP A 50 26.04 0.21 2.38
N LYS A 51 27.21 -0.43 2.45
CA LYS A 51 28.22 -0.11 3.46
C LYS A 51 28.68 1.35 3.35
N ASP A 52 28.96 1.79 2.13
CA ASP A 52 29.32 3.19 1.85
C ASP A 52 28.27 4.18 2.37
N ALA A 53 27.01 3.76 2.38
CA ALA A 53 25.91 4.61 2.84
C ALA A 53 25.69 4.53 4.35
N GLY A 54 26.38 3.60 5.02
CA GLY A 54 26.37 3.50 6.47
C GLY A 54 25.76 2.23 7.04
N TYR A 55 25.17 1.40 6.17
CA TYR A 55 24.65 0.11 6.62
C TYR A 55 25.82 -0.85 6.89
N GLU A 56 26.10 -1.03 8.18
CA GLU A 56 27.33 -1.68 8.65
C GLU A 56 27.07 -3.05 9.29
N TYR A 57 25.89 -3.20 9.89
CA TYR A 57 25.56 -4.39 10.66
C TYR A 57 24.70 -5.39 9.88
N LEU A 58 25.30 -6.53 9.56
CA LEU A 58 24.58 -7.64 8.97
C LEU A 58 24.09 -8.55 10.09
N CYS A 59 22.77 -8.63 10.24
CA CYS A 59 22.18 -9.22 11.44
C CYS A 59 21.33 -10.45 11.19
N ILE A 60 21.65 -11.51 11.92
CA ILE A 60 20.83 -12.70 12.02
C ILE A 60 19.74 -12.47 13.08
N ASP A 61 18.52 -12.89 12.76
CA ASP A 61 17.41 -12.85 13.69
C ASP A 61 17.16 -14.30 14.15
N ASP A 62 15.92 -14.64 14.51
CA ASP A 62 15.58 -15.96 15.04
C ASP A 62 15.81 -17.06 14.00
N CYS A 63 15.83 -18.31 14.46
CA CYS A 63 15.92 -19.51 13.60
C CYS A 63 17.29 -19.75 12.97
N TRP A 64 18.35 -19.37 13.68
CA TRP A 64 19.71 -19.72 13.29
C TRP A 64 20.24 -20.91 14.08
N MET A 65 19.65 -21.18 15.24
CA MET A 65 20.17 -22.15 16.20
C MET A 65 19.86 -23.60 15.83
N ALA A 66 20.74 -24.51 16.26
CA ALA A 66 20.40 -25.92 16.34
C ALA A 66 19.35 -26.09 17.45
N PRO A 67 18.51 -27.14 17.38
CA PRO A 67 17.47 -27.37 18.39
C PRO A 67 18.00 -27.56 19.82
N GLN A 68 19.20 -28.10 19.98
CA GLN A 68 19.79 -28.31 21.31
C GLN A 68 21.09 -27.54 21.47
N ARG A 69 21.45 -27.27 22.73
CA ARG A 69 22.79 -26.81 23.08
C ARG A 69 23.79 -27.95 22.91
N ASP A 70 25.07 -27.62 22.83
CA ASP A 70 26.11 -28.65 22.67
C ASP A 70 26.44 -29.34 24.00
N SER A 71 27.48 -30.19 23.98
CA SER A 71 27.91 -30.94 25.16
C SER A 71 28.30 -30.02 26.33
N GLU A 72 28.93 -28.89 26.01
CA GLU A 72 29.35 -27.92 27.03
C GLU A 72 28.24 -26.94 27.42
N GLY A 73 27.02 -27.20 26.95
CA GLY A 73 25.86 -26.37 27.27
C GLY A 73 25.88 -25.00 26.62
N ARG A 74 26.53 -24.90 25.47
CA ARG A 74 26.60 -23.65 24.72
C ARG A 74 25.64 -23.69 23.53
N LEU A 75 25.19 -22.51 23.10
CA LEU A 75 24.40 -22.40 21.88
C LEU A 75 25.23 -22.81 20.67
N GLN A 76 24.58 -23.43 19.70
CA GLN A 76 25.24 -23.77 18.44
C GLN A 76 24.34 -23.43 17.26
N ALA A 77 24.97 -23.02 16.16
CA ALA A 77 24.25 -22.74 14.92
C ALA A 77 23.87 -24.07 14.28
N ASP A 78 22.78 -24.06 13.51
CA ASP A 78 22.30 -25.29 12.88
C ASP A 78 23.42 -25.92 12.06
N PRO A 79 23.69 -27.22 12.27
CA PRO A 79 24.81 -27.87 11.57
C PRO A 79 24.66 -27.94 10.04
N GLN A 80 23.45 -28.03 9.53
CA GLN A 80 23.23 -28.11 8.07
C GLN A 80 23.09 -26.73 7.42
N ARG A 81 22.44 -25.80 8.11
CA ARG A 81 22.20 -24.47 7.56
C ARG A 81 23.37 -23.50 7.79
N PHE A 82 24.11 -23.75 8.87
CA PHE A 82 25.30 -22.96 9.19
C PHE A 82 26.48 -23.88 9.40
N PRO A 83 26.90 -24.59 8.33
CA PRO A 83 27.86 -25.69 8.48
C PRO A 83 29.25 -25.24 8.97
N HIS A 84 29.58 -23.96 8.77
CA HIS A 84 30.89 -23.45 9.22
C HIS A 84 30.86 -22.81 10.61
N GLY A 85 29.67 -22.60 11.15
CA GLY A 85 29.51 -21.98 12.46
C GLY A 85 29.48 -20.47 12.40
N ILE A 86 29.11 -19.85 13.52
CA ILE A 86 28.96 -18.39 13.56
C ILE A 86 30.31 -17.69 13.54
N ARG A 87 31.28 -18.22 14.29
CA ARG A 87 32.60 -17.61 14.36
C ARG A 87 33.17 -17.40 12.96
N GLN A 88 33.18 -18.47 12.16
CA GLN A 88 33.59 -18.42 10.77
C GLN A 88 32.81 -17.41 9.93
N LEU A 89 31.49 -17.35 10.14
CA LEU A 89 30.66 -16.38 9.43
C LEU A 89 31.06 -14.95 9.79
N ALA A 90 31.33 -14.71 11.07
CA ALA A 90 31.79 -13.40 11.56
C ALA A 90 33.15 -13.03 10.96
N ASN A 91 34.04 -14.00 10.84
CA ASN A 91 35.31 -13.80 10.16
C ASN A 91 35.10 -13.28 8.74
N TYR A 92 34.19 -13.94 8.01
CA TYR A 92 33.85 -13.53 6.65
C TYR A 92 33.26 -12.12 6.59
N VAL A 93 32.28 -11.86 7.43
CA VAL A 93 31.63 -10.55 7.50
C VAL A 93 32.65 -9.45 7.84
N HIS A 94 33.53 -9.74 8.80
CA HIS A 94 34.60 -8.80 9.16
C HIS A 94 35.58 -8.55 8.02
N SER A 95 35.89 -9.58 7.24
CA SER A 95 36.83 -9.46 6.13
C SER A 95 36.28 -8.52 5.05
N LYS A 96 34.96 -8.32 5.08
CA LYS A 96 34.26 -7.42 4.17
C LYS A 96 34.15 -6.01 4.75
N GLY A 97 34.67 -5.83 5.97
CA GLY A 97 34.58 -4.56 6.67
C GLY A 97 33.22 -4.30 7.29
N LEU A 98 32.43 -5.37 7.47
CA LEU A 98 31.10 -5.26 8.06
C LEU A 98 31.09 -5.85 9.46
N LYS A 99 29.94 -5.71 10.14
CA LYS A 99 29.80 -6.24 11.49
C LYS A 99 28.65 -7.25 11.59
N LEU A 100 28.79 -8.23 12.48
CA LEU A 100 27.80 -9.30 12.59
C LEU A 100 26.91 -9.15 13.81
N GLY A 101 25.60 -9.21 13.55
CA GLY A 101 24.58 -9.24 14.60
C GLY A 101 23.98 -10.63 14.73
N ILE A 102 23.62 -10.98 15.95
CA ILE A 102 22.94 -12.24 16.20
C ILE A 102 21.73 -12.02 17.13
N TYR A 103 21.00 -13.10 17.40
CA TYR A 103 19.74 -13.03 18.12
C TYR A 103 19.69 -14.09 19.21
N ALA A 104 19.15 -13.71 20.36
CA ALA A 104 18.86 -14.64 21.46
C ALA A 104 17.59 -14.17 22.19
N ASP A 105 17.22 -14.89 23.24
CA ASP A 105 15.98 -14.62 23.97
C ASP A 105 16.17 -14.73 25.49
N VAL A 106 15.62 -13.75 26.21
CA VAL A 106 15.72 -13.65 27.67
C VAL A 106 15.05 -14.81 28.41
N GLY A 107 14.03 -15.39 27.81
CA GLY A 107 13.26 -16.47 28.42
C GLY A 107 13.80 -17.86 28.15
N ASN A 108 12.93 -18.85 28.32
CA ASN A 108 13.29 -20.25 28.16
C ASN A 108 13.40 -20.72 26.70
N LYS A 109 12.70 -20.04 25.80
CA LYS A 109 12.81 -20.31 24.36
C LYS A 109 12.74 -19.01 23.59
N THR A 110 13.34 -19.01 22.40
CA THR A 110 13.15 -17.91 21.45
C THR A 110 11.71 -17.95 20.96
N CYS A 111 11.26 -16.86 20.35
CA CYS A 111 9.88 -16.76 19.89
C CYS A 111 9.50 -17.85 18.88
N ALA A 112 10.45 -18.27 18.07
CA ALA A 112 10.23 -19.37 17.13
C ALA A 112 10.40 -20.76 17.76
N GLY A 113 10.82 -20.81 19.02
CA GLY A 113 10.85 -22.08 19.77
C GLY A 113 12.21 -22.74 19.97
N PHE A 114 13.29 -22.03 19.64
CA PHE A 114 14.65 -22.55 19.77
C PHE A 114 15.22 -22.22 21.16
N PRO A 115 16.43 -22.73 21.51
CA PRO A 115 16.89 -22.54 22.89
C PRO A 115 16.93 -21.10 23.39
N GLY A 116 16.34 -20.87 24.57
CA GLY A 116 16.40 -19.58 25.23
C GLY A 116 17.65 -19.46 26.07
N SER A 117 17.90 -18.26 26.60
CA SER A 117 19.13 -17.98 27.32
C SER A 117 18.98 -17.92 28.84
N PHE A 118 17.74 -17.99 29.34
CA PHE A 118 17.48 -18.02 30.78
C PHE A 118 18.30 -19.15 31.41
N GLY A 119 19.09 -18.79 32.43
CA GLY A 119 19.99 -19.74 33.08
C GLY A 119 21.37 -19.81 32.44
N TYR A 120 21.52 -19.20 31.25
CA TYR A 120 22.75 -19.27 30.48
C TYR A 120 23.31 -17.90 30.07
N TYR A 121 22.85 -16.82 30.71
CA TYR A 121 23.21 -15.47 30.24
C TYR A 121 24.72 -15.23 30.14
N ASP A 122 25.46 -15.69 31.13
CA ASP A 122 26.91 -15.48 31.18
C ASP A 122 27.68 -16.30 30.15
N ILE A 123 27.28 -17.56 29.97
CA ILE A 123 27.93 -18.40 28.96
C ILE A 123 27.53 -17.95 27.55
N ASP A 124 26.26 -17.61 27.37
CA ASP A 124 25.77 -17.12 26.09
C ASP A 124 26.44 -15.83 25.65
N ALA A 125 26.63 -14.91 26.60
CA ALA A 125 27.35 -13.66 26.33
C ALA A 125 28.80 -13.94 25.93
N GLN A 126 29.46 -14.81 26.70
CA GLN A 126 30.84 -15.20 26.43
C GLN A 126 30.98 -15.92 25.09
N THR A 127 30.03 -16.80 24.79
CA THR A 127 29.97 -17.48 23.49
C THR A 127 29.87 -16.48 22.34
N PHE A 128 28.94 -15.52 22.46
CA PHE A 128 28.77 -14.48 21.46
C PHE A 128 30.06 -13.69 21.22
N ALA A 129 30.70 -13.24 22.32
CA ALA A 129 31.97 -12.52 22.24
C ALA A 129 33.06 -13.37 21.57
N ASP A 130 33.20 -14.61 22.04
CA ASP A 130 34.15 -15.58 21.48
C ASP A 130 33.99 -15.75 19.97
N TRP A 131 32.74 -15.73 19.50
CA TRP A 131 32.44 -15.87 18.08
C TRP A 131 32.74 -14.61 17.26
N GLY A 132 33.02 -13.50 17.95
CA GLY A 132 33.27 -12.23 17.28
C GLY A 132 32.00 -11.51 16.87
N VAL A 133 30.90 -11.81 17.55
CA VAL A 133 29.62 -11.11 17.36
C VAL A 133 29.73 -9.65 17.79
N ASP A 134 29.09 -8.76 17.03
CA ASP A 134 29.20 -7.31 17.22
C ASP A 134 27.90 -6.67 17.68
N LEU A 135 26.82 -7.43 17.60
CA LEU A 135 25.50 -6.95 18.00
C LEU A 135 24.65 -8.11 18.47
N LEU A 136 23.86 -7.87 19.51
CA LEU A 136 22.90 -8.86 19.97
C LEU A 136 21.50 -8.27 20.05
N LYS A 137 20.57 -8.89 19.33
CA LYS A 137 19.15 -8.64 19.50
C LYS A 137 18.60 -9.65 20.51
N PHE A 138 18.02 -9.14 21.60
CA PHE A 138 17.63 -9.98 22.71
C PHE A 138 16.12 -9.93 22.92
N ASP A 139 15.42 -10.88 22.32
CA ASP A 139 13.95 -10.93 22.34
C ASP A 139 13.37 -11.34 23.70
N GLY A 140 12.07 -11.09 23.90
CA GLY A 140 11.43 -11.28 25.20
C GLY A 140 10.41 -12.39 25.39
N CYS A 141 10.32 -13.33 24.44
CA CYS A 141 9.37 -14.44 24.54
C CYS A 141 9.67 -15.44 25.65
N TYR A 142 8.64 -16.22 26.00
CA TYR A 142 8.73 -17.32 26.96
C TYR A 142 9.40 -16.92 28.28
N CYS A 143 9.01 -15.75 28.78
CA CYS A 143 9.42 -15.24 30.07
C CYS A 143 8.19 -15.15 30.97
N ASP A 144 8.16 -15.98 32.00
CA ASP A 144 6.94 -16.17 32.79
C ASP A 144 6.63 -15.07 33.80
N SER A 145 7.61 -14.22 34.11
CA SER A 145 7.40 -13.17 35.09
C SER A 145 8.02 -11.84 34.72
N LEU A 146 7.44 -10.78 35.29
CA LEU A 146 7.89 -9.41 35.16
C LEU A 146 9.29 -9.26 35.78
N GLU A 147 9.51 -9.93 36.91
CA GLU A 147 10.80 -9.92 37.60
C GLU A 147 11.91 -10.63 36.81
N ASN A 148 11.63 -11.82 36.30
CA ASN A 148 12.57 -12.54 35.44
C ASN A 148 12.95 -11.73 34.18
N LEU A 149 12.00 -10.95 33.69
CA LEU A 149 12.21 -10.12 32.51
C LEU A 149 13.27 -9.05 32.77
N ALA A 150 13.04 -8.22 33.79
CA ALA A 150 13.95 -7.14 34.18
C ALA A 150 15.35 -7.67 34.50
N ASP A 151 15.40 -8.66 35.38
CA ASP A 151 16.66 -9.27 35.83
C ASP A 151 17.45 -9.85 34.67
N GLY A 152 16.77 -10.51 33.73
CA GLY A 152 17.41 -11.12 32.57
C GLY A 152 18.06 -10.12 31.63
N TYR A 153 17.33 -9.05 31.30
CA TYR A 153 17.86 -8.00 30.45
C TYR A 153 19.05 -7.26 31.09
N LYS A 154 18.97 -7.05 32.40
CA LYS A 154 20.06 -6.44 33.15
C LYS A 154 21.27 -7.38 33.24
N HIS A 155 21.02 -8.64 33.59
CA HIS A 155 22.03 -9.69 33.68
C HIS A 155 22.83 -9.81 32.38
N MET A 156 22.13 -9.96 31.26
CA MET A 156 22.78 -10.08 29.94
C MET A 156 23.55 -8.82 29.58
N SER A 157 22.99 -7.65 29.89
CA SER A 157 23.68 -6.39 29.62
C SER A 157 25.02 -6.37 30.31
N LEU A 158 25.02 -6.69 31.61
CA LEU A 158 26.24 -6.73 32.40
C LEU A 158 27.20 -7.83 31.95
N ALA A 159 26.64 -8.98 31.55
CA ALA A 159 27.46 -10.12 31.09
C ALA A 159 28.20 -9.81 29.79
N LEU A 160 27.53 -9.15 28.84
CA LEU A 160 28.18 -8.70 27.61
C LEU A 160 29.32 -7.72 27.90
N ASN A 161 29.10 -6.82 28.85
CA ASN A 161 30.13 -5.86 29.26
C ASN A 161 31.40 -6.54 29.76
N ARG A 162 31.25 -7.59 30.56
CA ARG A 162 32.38 -8.30 31.16
C ARG A 162 33.18 -9.13 30.14
N THR A 163 32.62 -9.34 28.94
CA THR A 163 33.36 -10.03 27.88
C THR A 163 34.51 -9.17 27.34
N GLY A 164 34.37 -7.85 27.47
CA GLY A 164 35.38 -6.91 26.98
C GLY A 164 35.24 -6.55 25.52
N ARG A 165 34.35 -7.24 24.82
CA ARG A 165 34.09 -6.96 23.40
C ARG A 165 32.96 -5.95 23.24
N SER A 166 33.16 -4.99 22.34
CA SER A 166 32.10 -4.05 21.97
C SER A 166 30.96 -4.79 21.25
N ILE A 167 29.81 -4.90 21.92
CA ILE A 167 28.63 -5.52 21.35
C ILE A 167 27.40 -4.62 21.52
N VAL A 168 26.80 -4.20 20.41
CA VAL A 168 25.56 -3.42 20.44
C VAL A 168 24.46 -4.28 21.03
N TYR A 169 23.71 -3.71 21.97
CA TYR A 169 22.70 -4.45 22.71
C TYR A 169 21.31 -3.91 22.45
N SER A 170 20.55 -4.69 21.68
CA SER A 170 19.20 -4.35 21.24
C SER A 170 18.21 -5.16 22.09
N CYS A 171 17.28 -4.45 22.74
CA CYS A 171 16.40 -5.06 23.73
C CYS A 171 14.93 -4.99 23.35
N GLU A 172 14.20 -6.08 23.57
CA GLU A 172 12.74 -6.07 23.39
C GLU A 172 12.03 -5.88 24.73
N TRP A 173 12.81 -5.44 25.72
CA TRP A 173 12.39 -5.22 27.10
C TRP A 173 11.05 -4.48 27.28
N PRO A 174 10.93 -3.23 26.74
CA PRO A 174 9.68 -2.49 26.99
C PRO A 174 8.44 -3.13 26.35
N LEU A 175 8.59 -3.67 25.15
CA LEU A 175 7.51 -4.34 24.42
C LEU A 175 6.87 -5.48 25.22
N TYR A 176 7.70 -6.31 25.84
CA TYR A 176 7.21 -7.47 26.61
C TYR A 176 6.83 -7.14 28.05
N MET A 177 7.17 -5.93 28.49
CA MET A 177 6.81 -5.45 29.81
C MET A 177 5.47 -4.70 29.76
N TRP A 178 5.33 -3.85 28.75
CA TRP A 178 4.15 -2.99 28.53
C TRP A 178 2.80 -3.56 28.99
N PRO A 179 2.37 -4.73 28.46
CA PRO A 179 1.03 -5.23 28.82
C PRO A 179 0.79 -5.28 30.34
N PHE A 180 1.84 -5.59 31.11
CA PHE A 180 1.70 -5.79 32.56
C PHE A 180 2.00 -4.54 33.38
N GLN A 181 3.06 -3.82 32.98
CA GLN A 181 3.68 -2.79 33.80
C GLN A 181 4.33 -1.78 32.87
N LYS A 182 4.10 -0.49 33.11
CA LYS A 182 4.69 0.54 32.26
C LYS A 182 6.21 0.66 32.48
N PRO A 183 6.98 0.71 31.38
CA PRO A 183 8.44 0.71 31.43
C PRO A 183 9.05 1.92 32.14
N ASN A 184 10.18 1.70 32.81
CA ASN A 184 11.03 2.78 33.27
C ASN A 184 12.15 2.93 32.24
N TYR A 185 12.08 4.01 31.47
CA TYR A 185 12.98 4.19 30.33
C TYR A 185 14.39 4.61 30.71
N THR A 186 14.53 5.29 31.85
CA THR A 186 15.83 5.62 32.41
C THR A 186 16.59 4.32 32.74
N GLU A 187 15.86 3.35 33.28
CA GLU A 187 16.41 2.03 33.59
C GLU A 187 16.80 1.27 32.33
N ILE A 188 15.87 1.17 31.39
CA ILE A 188 16.09 0.49 30.12
C ILE A 188 17.29 1.07 29.39
N ARG A 189 17.34 2.40 29.29
CA ARG A 189 18.46 3.10 28.65
C ARG A 189 19.81 2.77 29.31
N GLN A 190 19.81 2.68 30.64
CA GLN A 190 20.99 2.30 31.39
C GLN A 190 21.59 0.96 30.94
N TYR A 191 20.73 0.06 30.44
CA TYR A 191 21.14 -1.30 30.09
C TYR A 191 21.19 -1.62 28.59
N CYS A 192 20.49 -0.83 27.77
CA CYS A 192 20.27 -1.15 26.35
C CYS A 192 20.68 -0.04 25.39
N ASN A 193 21.21 -0.41 24.23
CA ASN A 193 21.58 0.54 23.16
C ASN A 193 20.39 0.99 22.34
N HIS A 194 19.45 0.07 22.12
CA HIS A 194 18.12 0.43 21.64
C HIS A 194 17.08 -0.56 22.13
N TRP A 195 15.81 -0.17 22.01
CA TRP A 195 14.73 -0.94 22.62
C TRP A 195 13.45 -0.86 21.78
N ARG A 196 12.88 -2.02 21.51
CA ARG A 196 11.62 -2.12 20.77
C ARG A 196 10.47 -1.81 21.72
N ASN A 197 9.65 -0.83 21.35
CA ASN A 197 8.50 -0.44 22.16
C ASN A 197 7.19 -1.11 21.72
N PHE A 198 7.11 -1.43 20.42
CA PHE A 198 5.83 -1.74 19.80
C PHE A 198 5.86 -3.03 18.97
N ALA A 199 4.67 -3.51 18.59
CA ALA A 199 4.48 -4.77 17.88
C ALA A 199 5.29 -4.87 16.59
N ASP A 200 5.65 -6.10 16.21
CA ASP A 200 6.42 -6.37 14.97
C ASP A 200 5.84 -5.67 13.76
N ILE A 201 6.70 -4.97 13.03
CA ILE A 201 6.33 -4.43 11.73
C ILE A 201 6.01 -5.58 10.74
N ASP A 202 5.14 -5.30 9.78
CA ASP A 202 5.03 -6.16 8.61
C ASP A 202 5.01 -5.33 7.33
N ASP A 203 4.78 -5.98 6.20
CA ASP A 203 4.90 -5.36 4.88
C ASP A 203 3.58 -4.70 4.51
N SER A 204 3.20 -3.69 5.29
CA SER A 204 1.90 -3.04 5.08
C SER A 204 1.90 -1.59 5.57
N TRP A 205 1.11 -0.77 4.89
CA TRP A 205 0.89 0.62 5.28
C TRP A 205 0.15 0.72 6.65
N LYS A 206 -0.84 -0.14 6.87
CA LYS A 206 -1.51 -0.26 8.17
C LYS A 206 -0.52 -0.32 9.33
N SER A 207 0.52 -1.15 9.14
CA SER A 207 1.54 -1.37 10.12
C SER A 207 2.37 -0.11 10.38
N ILE A 208 2.80 0.55 9.30
CA ILE A 208 3.53 1.83 9.40
C ILE A 208 2.71 2.85 10.19
N LYS A 209 1.44 3.00 9.82
CA LYS A 209 0.53 3.94 10.49
C LYS A 209 0.40 3.69 11.98
N SER A 210 0.19 2.42 12.34
CA SER A 210 -0.02 2.08 13.73
C SER A 210 1.23 2.37 14.58
N ILE A 211 2.40 2.11 14.02
CA ILE A 211 3.67 2.42 14.68
C ILE A 211 3.86 3.93 14.85
N LEU A 212 3.54 4.70 13.81
CA LEU A 212 3.63 6.15 13.88
C LEU A 212 2.69 6.66 14.95
N ASP A 213 1.44 6.18 14.92
CA ASP A 213 0.41 6.56 15.88
C ASP A 213 0.74 6.16 17.30
N TRP A 214 1.39 5.01 17.46
CA TRP A 214 1.84 4.53 18.77
C TRP A 214 2.92 5.46 19.33
N THR A 215 3.85 5.83 18.48
CA THR A 215 4.96 6.68 18.84
C THR A 215 4.48 8.08 19.25
N SER A 216 3.59 8.68 18.45
CA SER A 216 3.10 10.04 18.74
C SER A 216 2.18 10.09 19.97
N PHE A 217 1.39 9.04 20.17
CA PHE A 217 0.53 8.93 21.35
C PHE A 217 1.35 8.81 22.64
N ASN A 218 2.50 8.15 22.53
CA ASN A 218 3.38 7.93 23.67
C ASN A 218 4.58 8.87 23.75
N GLN A 219 4.58 9.94 22.95
CA GLN A 219 5.80 10.73 22.81
C GLN A 219 6.28 11.47 24.07
N GLU A 220 5.37 11.80 24.98
CA GLU A 220 5.75 12.36 26.28
C GLU A 220 6.65 11.41 27.07
N ARG A 221 6.44 10.11 26.88
CA ARG A 221 7.16 9.08 27.64
C ARG A 221 8.49 8.67 27.04
N ILE A 222 8.61 8.71 25.72
CA ILE A 222 9.73 8.06 25.05
C ILE A 222 10.71 8.99 24.32
N VAL A 223 10.26 10.19 23.95
CA VAL A 223 11.09 11.08 23.11
C VAL A 223 12.37 11.58 23.80
N ASP A 224 12.24 12.08 25.03
CA ASP A 224 13.36 12.71 25.73
C ASP A 224 14.43 11.74 26.23
N VAL A 225 14.08 10.47 26.37
CA VAL A 225 15.05 9.48 26.84
C VAL A 225 16.06 9.11 25.75
N ALA A 226 15.61 9.15 24.49
CA ALA A 226 16.46 8.82 23.36
C ALA A 226 17.62 9.80 23.23
N GLY A 227 18.77 9.29 22.80
CA GLY A 227 19.98 10.09 22.65
C GLY A 227 21.15 9.17 22.39
N PRO A 228 22.34 9.75 22.11
CA PRO A 228 23.53 8.95 21.82
C PRO A 228 23.71 7.77 22.80
N GLY A 229 23.79 6.55 22.26
CA GLY A 229 23.96 5.36 23.08
C GLY A 229 22.66 4.66 23.48
N GLY A 230 21.51 5.28 23.20
CA GLY A 230 20.22 4.70 23.56
C GLY A 230 19.02 5.24 22.77
N TRP A 231 18.44 4.39 21.92
CA TRP A 231 17.40 4.80 20.95
C TRP A 231 16.10 4.00 21.05
N ASN A 232 14.99 4.66 20.76
CA ASN A 232 13.73 3.97 20.51
C ASN A 232 13.80 3.25 19.18
N ASP A 233 13.35 2.00 19.18
CA ASP A 233 13.38 1.18 17.98
C ASP A 233 11.94 0.92 17.54
N PRO A 234 11.52 1.54 16.42
CA PRO A 234 10.18 1.34 15.87
C PRO A 234 10.11 0.17 14.88
N ASP A 235 11.19 -0.62 14.84
CA ASP A 235 11.35 -1.84 14.00
C ASP A 235 11.94 -1.57 12.61
N MET A 236 12.05 -2.66 11.83
CA MET A 236 12.79 -2.68 10.58
C MET A 236 12.20 -1.78 9.49
N LEU A 237 13.08 -1.29 8.62
CA LEU A 237 12.69 -0.65 7.38
C LEU A 237 12.25 -1.76 6.41
N VAL A 238 11.04 -1.63 5.87
CA VAL A 238 10.49 -2.65 4.96
C VAL A 238 10.43 -2.15 3.51
N ILE A 239 11.16 -1.08 3.24
CA ILE A 239 11.28 -0.51 1.90
C ILE A 239 12.01 -1.52 0.99
N GLY A 240 11.50 -1.69 -0.22
CA GLY A 240 12.09 -2.60 -1.19
C GLY A 240 11.36 -3.93 -1.30
N ASN A 241 10.31 -4.10 -0.50
CA ASN A 241 9.48 -5.31 -0.52
C ASN A 241 8.19 -5.13 -1.34
N PHE A 242 7.04 -5.51 -0.79
CA PHE A 242 5.86 -5.76 -1.62
C PHE A 242 4.60 -4.96 -1.28
N GLY A 243 4.47 -4.52 -0.03
CA GLY A 243 3.20 -4.00 0.47
C GLY A 243 3.06 -2.49 0.56
N LEU A 244 4.15 -1.77 0.33
CA LEU A 244 4.12 -0.31 0.41
C LEU A 244 4.18 0.32 -0.97
N SER A 245 3.33 1.32 -1.19
CA SER A 245 3.41 2.17 -2.37
C SER A 245 4.65 3.05 -2.30
N TRP A 246 5.04 3.63 -3.42
CA TRP A 246 6.19 4.55 -3.43
C TRP A 246 6.08 5.61 -2.34
N ASN A 247 4.91 6.26 -2.24
CA ASN A 247 4.68 7.30 -1.24
C ASN A 247 4.74 6.81 0.21
N GLN A 248 4.29 5.59 0.45
CA GLN A 248 4.38 4.97 1.78
C GLN A 248 5.81 4.61 2.16
N GLN A 249 6.60 4.20 1.18
CA GLN A 249 8.03 3.96 1.41
C GLN A 249 8.76 5.26 1.78
N VAL A 250 8.37 6.37 1.12
CA VAL A 250 8.95 7.69 1.41
C VAL A 250 8.60 8.11 2.85
N THR A 251 7.35 7.87 3.25
CA THR A 251 6.92 8.14 4.62
C THR A 251 7.74 7.38 5.66
N GLN A 252 8.00 6.09 5.43
CA GLN A 252 8.76 5.33 6.40
C GLN A 252 10.19 5.83 6.52
N MET A 253 10.83 6.10 5.39
CA MET A 253 12.21 6.58 5.39
C MET A 253 12.30 7.95 6.09
N ALA A 254 11.42 8.87 5.70
CA ALA A 254 11.36 10.22 6.27
C ALA A 254 11.12 10.21 7.78
N LEU A 255 10.14 9.43 8.23
CA LEU A 255 9.78 9.40 9.65
C LEU A 255 10.77 8.62 10.51
N TRP A 256 11.35 7.55 10.00
CA TRP A 256 12.43 6.86 10.74
C TRP A 256 13.65 7.79 10.95
N ALA A 257 13.84 8.75 10.03
CA ALA A 257 14.89 9.77 10.18
C ALA A 257 14.50 10.79 11.25
N ILE A 258 13.25 11.26 11.22
CA ILE A 258 12.71 12.14 12.24
C ILE A 258 12.83 11.50 13.64
N MET A 259 12.50 10.22 13.75
CA MET A 259 12.46 9.52 15.04
C MET A 259 13.83 9.10 15.60
N ALA A 260 14.91 9.43 14.88
CA ALA A 260 16.28 8.98 15.21
C ALA A 260 16.23 7.50 15.53
N ALA A 261 15.68 6.76 14.57
CA ALA A 261 15.45 5.33 14.71
C ALA A 261 16.65 4.56 14.18
N PRO A 262 16.95 3.39 14.77
CA PRO A 262 17.91 2.52 14.09
C PRO A 262 17.35 2.12 12.73
N LEU A 263 18.23 1.99 11.73
CA LEU A 263 17.80 1.71 10.38
C LEU A 263 18.26 0.31 9.98
N PHE A 264 17.44 -0.69 10.31
CA PHE A 264 17.71 -2.06 9.90
C PHE A 264 16.81 -2.44 8.73
N MET A 265 17.40 -2.50 7.55
CA MET A 265 16.66 -2.96 6.38
C MET A 265 16.29 -4.42 6.56
N SER A 266 15.04 -4.76 6.24
CA SER A 266 14.68 -6.15 6.04
C SER A 266 14.07 -6.30 4.66
N ASN A 267 14.92 -6.72 3.71
CA ASN A 267 14.54 -6.84 2.31
C ASN A 267 15.45 -7.85 1.61
N ASP A 268 15.27 -8.01 0.31
CA ASP A 268 16.14 -8.87 -0.49
C ASP A 268 17.08 -7.99 -1.32
N LEU A 269 18.31 -7.85 -0.87
CA LEU A 269 19.30 -7.00 -1.56
C LEU A 269 19.63 -7.49 -2.98
N ARG A 270 19.34 -8.76 -3.25
CA ARG A 270 19.52 -9.37 -4.57
C ARG A 270 18.43 -8.94 -5.55
N HIS A 271 17.29 -8.52 -5.02
CA HIS A 271 16.13 -8.16 -5.85
C HIS A 271 15.45 -6.93 -5.25
N ILE A 272 15.97 -5.75 -5.62
CA ILE A 272 15.47 -4.47 -5.12
C ILE A 272 15.41 -3.41 -6.22
N SER A 273 14.30 -2.69 -6.32
CA SER A 273 14.12 -1.69 -7.38
C SER A 273 15.14 -0.56 -7.25
N PRO A 274 15.56 0.02 -8.39
CA PRO A 274 16.41 1.22 -8.35
C PRO A 274 15.86 2.32 -7.44
N GLN A 275 14.54 2.52 -7.47
CA GLN A 275 13.88 3.57 -6.69
C GLN A 275 13.99 3.33 -5.18
N ALA A 276 13.72 2.09 -4.76
CA ALA A 276 13.81 1.72 -3.35
C ALA A 276 15.25 1.83 -2.86
N LYS A 277 16.20 1.40 -3.69
CA LYS A 277 17.62 1.47 -3.37
C LYS A 277 18.10 2.93 -3.18
N ALA A 278 17.77 3.81 -4.12
CA ALA A 278 18.12 5.24 -4.03
C ALA A 278 17.52 5.95 -2.80
N LEU A 279 16.30 5.60 -2.44
CA LEU A 279 15.66 6.16 -1.25
C LEU A 279 16.35 5.70 0.03
N LEU A 280 16.60 4.39 0.14
CA LEU A 280 17.32 3.82 1.28
C LEU A 280 18.77 4.32 1.42
N GLN A 281 19.37 4.74 0.31
CA GLN A 281 20.75 5.20 0.29
C GLN A 281 20.82 6.73 0.24
N ASP A 282 19.67 7.38 0.45
CA ASP A 282 19.57 8.83 0.35
C ASP A 282 20.44 9.52 1.40
N LYS A 283 21.52 10.10 0.92
CA LYS A 283 22.60 10.71 1.72
C LYS A 283 22.08 11.74 2.72
N ASP A 284 21.29 12.67 2.21
CA ASP A 284 20.74 13.79 2.99
C ASP A 284 19.78 13.33 4.07
N VAL A 285 19.04 12.25 3.77
CA VAL A 285 18.05 11.71 4.69
C VAL A 285 18.73 10.84 5.76
N ILE A 286 19.68 10.00 5.34
CA ILE A 286 20.51 9.28 6.29
C ILE A 286 21.20 10.26 7.25
N ALA A 287 21.69 11.38 6.71
CA ALA A 287 22.40 12.38 7.51
C ALA A 287 21.52 12.98 8.60
N ILE A 288 20.24 13.17 8.30
CA ILE A 288 19.29 13.59 9.33
C ILE A 288 19.16 12.50 10.40
N ASN A 289 18.92 11.26 9.99
CA ASN A 289 18.81 10.14 10.93
C ASN A 289 20.03 10.01 11.83
N GLN A 290 21.19 10.27 11.23
CA GLN A 290 22.49 10.12 11.88
C GLN A 290 23.02 11.41 12.52
N ASP A 291 22.18 12.43 12.61
CA ASP A 291 22.60 13.69 13.22
C ASP A 291 23.27 13.45 14.58
N PRO A 292 24.52 13.92 14.76
CA PRO A 292 25.32 13.65 15.96
C PRO A 292 24.70 14.11 17.28
N LEU A 293 23.83 15.11 17.23
CA LEU A 293 23.12 15.59 18.41
C LEU A 293 22.22 14.49 19.01
N GLY A 294 21.65 13.65 18.15
CA GLY A 294 20.87 12.51 18.60
C GLY A 294 19.64 12.87 19.42
N LYS A 295 18.99 13.98 19.05
CA LYS A 295 17.72 14.34 19.67
C LYS A 295 16.57 13.85 18.81
N GLN A 296 15.74 12.98 19.38
CA GLN A 296 14.62 12.37 18.66
C GLN A 296 13.57 13.43 18.34
N GLY A 297 12.98 13.35 17.15
CA GLY A 297 11.92 14.25 16.77
C GLY A 297 10.59 13.83 17.37
N TYR A 298 9.55 14.56 17.02
CA TYR A 298 8.26 14.39 17.66
C TYR A 298 7.18 14.95 16.74
N GLN A 299 5.93 14.54 16.98
CA GLN A 299 4.80 15.13 16.30
C GLN A 299 4.50 16.49 16.90
N LEU A 300 4.50 17.51 16.04
CA LEU A 300 4.18 18.89 16.44
C LEU A 300 2.68 19.20 16.33
N ARG A 301 2.07 18.73 15.24
CA ARG A 301 0.69 19.07 14.87
C ARG A 301 -0.04 17.91 14.21
N GLN A 302 -1.35 17.88 14.40
CA GLN A 302 -2.23 16.88 13.82
C GLN A 302 -3.59 17.56 13.61
N GLY A 303 -4.16 17.40 12.42
CA GLY A 303 -5.45 18.00 12.08
C GLY A 303 -5.71 17.99 10.57
N ASP A 304 -6.97 17.82 10.20
CA ASP A 304 -7.41 17.79 8.79
C ASP A 304 -6.68 16.71 7.99
N ASN A 305 -6.39 15.59 8.66
CA ASN A 305 -5.67 14.46 8.10
C ASN A 305 -4.24 14.78 7.65
N PHE A 306 -3.64 15.79 8.26
CA PHE A 306 -2.21 16.06 8.09
C PHE A 306 -1.53 15.84 9.44
N GLU A 307 -0.23 15.53 9.39
CA GLU A 307 0.61 15.53 10.57
C GLU A 307 1.85 16.35 10.28
N VAL A 308 2.30 17.12 11.27
CA VAL A 308 3.60 17.78 11.20
C VAL A 308 4.48 17.24 12.31
N TRP A 309 5.63 16.72 11.91
CA TRP A 309 6.67 16.26 12.81
C TRP A 309 7.90 17.12 12.59
N GLU A 310 8.70 17.29 13.63
CA GLU A 310 9.97 17.99 13.51
C GLU A 310 11.04 17.39 14.41
N ARG A 311 12.28 17.67 14.07
CA ARG A 311 13.42 17.16 14.81
C ARG A 311 14.51 18.23 14.86
N PRO A 312 15.03 18.54 16.06
CA PRO A 312 16.17 19.46 16.16
C PRO A 312 17.48 18.78 15.75
N LEU A 313 18.31 19.49 15.01
CA LEU A 313 19.56 18.95 14.49
C LEU A 313 20.75 19.75 15.00
N SER A 314 21.97 19.28 14.68
CA SER A 314 23.20 20.03 14.93
C SER A 314 23.19 21.40 14.26
N GLY A 315 23.90 22.35 14.87
CA GLY A 315 24.12 23.67 14.27
C GLY A 315 22.88 24.49 13.93
N LEU A 316 21.87 24.40 14.80
CA LEU A 316 20.64 25.20 14.70
C LEU A 316 19.76 24.87 13.48
N ALA A 317 19.94 23.68 12.94
CA ALA A 317 19.12 23.22 11.83
C ALA A 317 17.98 22.36 12.37
N TRP A 318 16.93 22.20 11.57
CA TRP A 318 15.79 21.39 11.92
C TRP A 318 15.35 20.58 10.71
N ALA A 319 14.85 19.37 10.96
CA ALA A 319 14.15 18.58 9.95
C ALA A 319 12.64 18.67 10.24
N VAL A 320 11.83 18.76 9.18
CA VAL A 320 10.38 18.88 9.29
C VAL A 320 9.70 17.92 8.30
N ALA A 321 8.82 17.07 8.82
CA ALA A 321 8.06 16.13 8.00
C ALA A 321 6.57 16.45 8.00
N MET A 322 5.95 16.41 6.83
CA MET A 322 4.52 16.68 6.70
C MET A 322 3.89 15.50 5.99
N ILE A 323 2.99 14.81 6.70
CA ILE A 323 2.35 13.60 6.22
C ILE A 323 0.92 13.90 5.84
N ASN A 324 0.48 13.37 4.69
CA ASN A 324 -0.92 13.39 4.32
C ASN A 324 -1.53 12.02 4.67
N ARG A 325 -2.40 12.01 5.67
CA ARG A 325 -3.01 10.77 6.15
C ARG A 325 -4.37 10.47 5.51
N GLN A 326 -4.81 11.36 4.61
CA GLN A 326 -6.06 11.16 3.87
C GLN A 326 -5.82 10.23 2.67
N GLU A 327 -6.55 9.11 2.65
CA GLU A 327 -6.25 8.04 1.69
C GLU A 327 -7.23 8.01 0.51
N ILE A 328 -7.62 9.18 0.06
CA ILE A 328 -8.52 9.35 -1.06
C ILE A 328 -8.18 10.69 -1.73
N GLY A 329 -8.58 10.87 -3.00
CA GLY A 329 -8.30 12.13 -3.69
C GLY A 329 -6.84 12.26 -4.10
N GLY A 330 -6.36 13.50 -4.22
CA GLY A 330 -5.04 13.77 -4.76
C GLY A 330 -4.13 14.52 -3.82
N PRO A 331 -3.00 15.04 -4.35
CA PRO A 331 -2.11 15.89 -3.55
C PRO A 331 -2.87 17.05 -2.95
N ARG A 332 -2.76 17.20 -1.62
CA ARG A 332 -3.48 18.24 -0.89
C ARG A 332 -2.53 19.33 -0.41
N SER A 333 -3.03 20.57 -0.40
CA SER A 333 -2.24 21.71 0.02
C SER A 333 -2.20 21.82 1.54
N TYR A 334 -1.01 22.03 2.07
CA TYR A 334 -0.82 22.29 3.47
C TYR A 334 0.10 23.49 3.69
N THR A 335 -0.32 24.41 4.55
CA THR A 335 0.50 25.57 4.90
C THR A 335 0.65 25.72 6.41
N ILE A 336 1.82 26.21 6.82
CA ILE A 336 2.14 26.49 8.21
C ILE A 336 3.07 27.70 8.29
N ALA A 337 2.90 28.54 9.32
CA ALA A 337 3.83 29.65 9.56
C ALA A 337 5.18 29.09 9.96
N VAL A 338 6.26 29.58 9.34
CA VAL A 338 7.60 29.08 9.67
C VAL A 338 7.99 29.42 11.12
N ALA A 339 7.31 30.43 11.68
CA ALA A 339 7.48 30.84 13.08
C ALA A 339 6.99 29.78 14.05
N SER A 340 6.10 28.90 13.57
CA SER A 340 5.56 27.78 14.34
C SER A 340 6.52 26.59 14.35
N LEU A 341 7.51 26.63 13.46
CA LEU A 341 8.45 25.53 13.32
C LEU A 341 9.67 25.72 14.21
N GLY A 342 10.30 24.60 14.57
CA GLY A 342 11.50 24.63 15.38
C GLY A 342 11.42 25.49 16.64
N LYS A 343 10.25 25.47 17.29
CA LYS A 343 10.01 26.19 18.55
C LYS A 343 10.18 27.69 18.44
N GLY A 344 10.09 28.20 17.21
CA GLY A 344 10.19 29.62 16.96
C GLY A 344 11.62 30.11 16.75
N VAL A 345 12.59 29.20 16.73
CA VAL A 345 13.98 29.60 16.48
C VAL A 345 14.53 29.21 15.11
N ALA A 346 13.99 28.15 14.52
CA ALA A 346 14.48 27.63 13.23
C ALA A 346 14.61 28.71 12.17
N CYS A 347 13.61 29.61 12.11
CA CYS A 347 13.53 30.61 11.04
C CYS A 347 13.47 32.05 11.56
N ASN A 348 14.12 32.28 12.70
CA ASN A 348 14.27 33.61 13.28
C ASN A 348 15.76 33.97 13.22
N PRO A 349 16.13 35.04 12.47
CA PRO A 349 15.30 35.95 11.69
C PRO A 349 14.81 35.37 10.37
N ALA A 350 15.53 34.37 9.86
CA ALA A 350 15.20 33.71 8.60
C ALA A 350 15.81 32.30 8.56
N CYS A 351 15.40 31.51 7.59
CA CYS A 351 15.97 30.20 7.36
C CYS A 351 16.00 29.85 5.87
N PHE A 352 16.99 29.05 5.47
CA PHE A 352 16.96 28.45 4.15
C PHE A 352 16.31 27.07 4.24
N ILE A 353 15.39 26.80 3.34
CA ILE A 353 14.63 25.56 3.34
C ILE A 353 14.94 24.74 2.09
N THR A 354 15.37 23.50 2.33
CA THR A 354 15.61 22.56 1.25
C THR A 354 14.68 21.38 1.45
N GLN A 355 13.93 21.05 0.40
CA GLN A 355 13.10 19.85 0.41
C GLN A 355 13.98 18.67 0.04
N LEU A 356 13.86 17.58 0.79
CA LEU A 356 14.64 16.38 0.56
C LEU A 356 13.80 15.26 -0.04
N LEU A 357 12.55 15.13 0.41
CA LEU A 357 11.64 14.10 -0.09
C LEU A 357 10.28 14.73 -0.36
N PRO A 358 9.54 14.23 -1.39
CA PRO A 358 9.82 13.06 -2.26
C PRO A 358 10.99 13.24 -3.23
N VAL A 359 11.30 14.50 -3.59
CA VAL A 359 12.49 14.83 -4.39
C VAL A 359 13.27 15.98 -3.74
N LYS A 360 14.55 16.13 -4.11
CA LYS A 360 15.37 17.24 -3.63
C LYS A 360 15.16 18.52 -4.42
N ARG A 361 14.74 19.56 -3.70
CA ARG A 361 14.49 20.86 -4.33
C ARG A 361 14.78 21.96 -3.30
N LYS A 362 15.59 22.94 -3.70
CA LYS A 362 15.81 24.13 -2.87
C LYS A 362 14.54 24.98 -2.92
N LEU A 363 13.98 25.32 -1.76
CA LEU A 363 12.77 26.14 -1.71
C LEU A 363 13.08 27.62 -1.53
N GLY A 364 14.26 27.91 -0.99
CA GLY A 364 14.72 29.29 -0.85
C GLY A 364 14.71 29.79 0.58
N PHE A 365 14.82 31.11 0.72
CA PHE A 365 14.84 31.79 2.01
C PHE A 365 13.43 32.08 2.50
N TYR A 366 13.20 31.83 3.79
CA TYR A 366 11.91 32.08 4.42
C TYR A 366 12.12 33.02 5.59
N GLU A 367 11.36 34.11 5.64
CA GLU A 367 11.49 35.08 6.73
C GLU A 367 10.73 34.58 7.93
N TRP A 368 11.07 35.14 9.10
CA TRP A 368 10.31 34.91 10.32
C TRP A 368 8.80 35.00 10.08
N THR A 369 8.40 35.93 9.20
CA THR A 369 7.00 36.20 8.90
C THR A 369 6.39 35.22 7.89
N SER A 370 7.22 34.35 7.30
CA SER A 370 6.81 33.55 6.13
C SER A 370 5.88 32.40 6.45
N ARG A 371 5.21 31.90 5.41
CA ARG A 371 4.46 30.66 5.48
C ARG A 371 5.03 29.64 4.49
N LEU A 372 5.19 28.42 4.97
CA LEU A 372 5.61 27.30 4.17
C LEU A 372 4.36 26.64 3.56
N ARG A 373 4.39 26.42 2.26
CA ARG A 373 3.27 25.81 1.54
C ARG A 373 3.73 24.61 0.71
N SER A 374 3.06 23.49 0.88
CA SER A 374 3.36 22.26 0.13
C SER A 374 2.11 21.52 -0.30
N HIS A 375 2.26 20.72 -1.35
CA HIS A 375 1.25 19.74 -1.71
C HIS A 375 1.81 18.39 -1.34
N ILE A 376 1.04 17.64 -0.57
CA ILE A 376 1.48 16.36 -0.06
C ILE A 376 0.57 15.25 -0.61
N ASN A 377 1.19 14.22 -1.19
CA ASN A 377 0.48 13.08 -1.76
C ASN A 377 -0.18 12.25 -0.67
N PRO A 378 -1.36 11.68 -0.95
CA PRO A 378 -1.99 10.69 -0.07
C PRO A 378 -1.04 9.58 0.39
N THR A 379 -0.89 9.46 1.72
CA THR A 379 0.01 8.50 2.40
C THR A 379 1.49 8.81 2.22
N GLY A 380 1.77 9.92 1.53
CA GLY A 380 3.13 10.40 1.33
C GLY A 380 3.56 11.38 2.38
N THR A 381 4.85 11.71 2.37
CA THR A 381 5.44 12.66 3.30
C THR A 381 6.34 13.64 2.54
N VAL A 382 6.27 14.91 2.93
CA VAL A 382 7.28 15.87 2.49
C VAL A 382 8.28 16.07 3.63
N LEU A 383 9.56 15.92 3.31
CA LEU A 383 10.62 16.11 4.28
C LEU A 383 11.49 17.29 3.91
N LEU A 384 11.63 18.21 4.86
CA LEU A 384 12.38 19.45 4.66
C LEU A 384 13.50 19.59 5.66
N GLN A 385 14.58 20.24 5.24
CA GLN A 385 15.61 20.68 6.17
C GLN A 385 15.65 22.22 6.19
N LEU A 386 15.69 22.76 7.40
CA LEU A 386 15.69 24.20 7.63
C LEU A 386 17.04 24.60 8.22
N GLU A 387 17.74 25.51 7.56
CA GLU A 387 19.00 26.04 8.06
C GLU A 387 18.80 27.50 8.46
N ASN A 388 18.98 27.80 9.75
CA ASN A 388 18.91 29.18 10.24
C ASN A 388 20.01 30.03 9.60
N THR A 389 19.70 31.27 9.26
CA THR A 389 20.64 32.15 8.56
C THR A 389 21.49 33.00 9.49
N MET A 390 21.68 32.53 10.73
CA MET A 390 22.52 33.19 11.75
C MET A 390 21.91 34.49 12.30
N LEU B 1 -29.80 -4.37 -18.54
CA LEU B 1 -30.69 -3.46 -19.31
C LEU B 1 -30.61 -3.77 -20.82
N ASP B 2 -31.77 -3.99 -21.42
CA ASP B 2 -31.86 -4.39 -22.82
C ASP B 2 -31.92 -3.17 -23.75
N ASN B 3 -30.90 -2.32 -23.68
CA ASN B 3 -30.81 -1.14 -24.54
C ASN B 3 -29.74 -1.30 -25.63
N GLY B 4 -29.15 -2.50 -25.71
CA GLY B 4 -28.09 -2.80 -26.67
C GLY B 4 -26.71 -2.32 -26.26
N LEU B 5 -26.62 -1.72 -25.08
CA LEU B 5 -25.36 -1.18 -24.58
C LEU B 5 -24.74 -2.08 -23.51
N ALA B 6 -23.47 -1.81 -23.20
CA ALA B 6 -22.69 -2.59 -22.23
C ALA B 6 -22.78 -4.11 -22.46
N ARG B 7 -22.58 -4.52 -23.72
CA ARG B 7 -22.55 -5.94 -24.06
C ARG B 7 -21.27 -6.56 -23.48
N THR B 8 -20.25 -5.73 -23.33
CA THR B 8 -19.08 -6.02 -22.51
C THR B 8 -19.03 -4.92 -21.43
N PRO B 9 -18.30 -5.15 -20.32
CA PRO B 9 -18.27 -4.11 -19.30
C PRO B 9 -17.74 -2.79 -19.85
N THR B 10 -18.38 -1.69 -19.43
CA THR B 10 -18.02 -0.35 -19.90
C THR B 10 -16.61 0.04 -19.43
N MET B 11 -15.88 0.72 -20.30
CA MET B 11 -14.52 1.17 -20.01
C MET B 11 -14.41 2.68 -20.20
N GLY B 12 -13.72 3.33 -19.27
CA GLY B 12 -13.54 4.76 -19.35
C GLY B 12 -12.81 5.33 -18.16
N TRP B 13 -13.15 6.58 -17.84
CA TRP B 13 -12.47 7.35 -16.80
C TRP B 13 -13.55 8.13 -16.07
N LEU B 14 -13.46 8.13 -14.74
CA LEU B 14 -14.43 8.81 -13.88
C LEU B 14 -13.66 9.62 -12.83
N HIS B 15 -14.10 10.85 -12.56
CA HIS B 15 -13.28 11.80 -11.80
C HIS B 15 -13.26 11.59 -10.29
N TRP B 16 -14.25 10.87 -9.79
CA TRP B 16 -14.57 10.94 -8.36
C TRP B 16 -13.44 10.60 -7.36
N GLU B 17 -12.80 9.44 -7.51
CA GLU B 17 -11.85 9.04 -6.47
C GLU B 17 -10.67 10.02 -6.37
N ARG B 18 -10.13 10.42 -7.51
CA ARG B 18 -8.92 11.25 -7.57
C ARG B 18 -9.22 12.74 -7.39
N PHE B 19 -10.42 13.18 -7.77
CA PHE B 19 -10.72 14.61 -7.77
C PHE B 19 -11.85 15.05 -6.84
N MET B 20 -12.76 14.13 -6.55
CA MET B 20 -13.83 14.33 -5.59
C MET B 20 -14.64 15.60 -5.82
N CYS B 21 -14.88 16.38 -4.76
CA CYS B 21 -15.73 17.56 -4.84
C CYS B 21 -14.91 18.83 -4.60
N ASN B 22 -13.78 18.94 -5.30
CA ASN B 22 -12.92 20.11 -5.22
C ASN B 22 -13.53 21.26 -6.00
N LEU B 23 -14.00 22.28 -5.28
CA LEU B 23 -14.68 23.41 -5.90
C LEU B 23 -13.77 24.64 -5.94
N ASP B 24 -12.59 24.51 -5.34
CA ASP B 24 -11.65 25.62 -5.18
C ASP B 24 -10.72 25.76 -6.39
N CYS B 25 -11.23 26.40 -7.45
CA CYS B 25 -10.46 26.56 -8.67
C CYS B 25 -9.48 27.72 -8.58
N GLN B 26 -9.60 28.52 -7.52
CA GLN B 26 -8.68 29.63 -7.30
C GLN B 26 -7.38 29.16 -6.67
N GLU B 27 -7.49 28.30 -5.66
CA GLU B 27 -6.32 27.82 -4.93
C GLU B 27 -5.88 26.42 -5.31
N GLU B 28 -6.80 25.63 -5.87
CA GLU B 28 -6.47 24.29 -6.38
C GLU B 28 -6.94 24.11 -7.83
N PRO B 29 -6.45 24.99 -8.76
CA PRO B 29 -7.00 25.02 -10.12
C PRO B 29 -6.79 23.75 -10.92
N ASP B 30 -5.70 23.04 -10.64
CA ASP B 30 -5.34 21.84 -11.39
C ASP B 30 -6.18 20.61 -11.03
N SER B 31 -6.86 20.64 -9.88
CA SER B 31 -7.61 19.48 -9.43
C SER B 31 -9.07 19.79 -9.07
N CYS B 32 -9.46 21.05 -9.22
CA CYS B 32 -10.86 21.41 -9.07
C CYS B 32 -11.70 20.84 -10.21
N ILE B 33 -13.00 20.66 -9.95
CA ILE B 33 -13.91 20.11 -10.93
C ILE B 33 -14.33 21.21 -11.92
N SER B 34 -13.63 21.24 -13.05
CA SER B 34 -13.85 22.26 -14.07
C SER B 34 -13.91 21.62 -15.45
N GLU B 35 -14.40 22.38 -16.43
CA GLU B 35 -14.46 21.92 -17.82
C GLU B 35 -13.07 21.72 -18.42
N LYS B 36 -12.10 22.50 -17.94
CA LYS B 36 -10.72 22.43 -18.42
C LYS B 36 -10.08 21.10 -18.06
N LEU B 37 -10.43 20.59 -16.88
CA LEU B 37 -9.94 19.30 -16.41
C LEU B 37 -10.41 18.19 -17.33
N PHE B 38 -11.70 18.20 -17.67
CA PHE B 38 -12.29 17.19 -18.54
C PHE B 38 -11.79 17.29 -19.99
N MET B 39 -11.72 18.52 -20.50
CA MET B 39 -11.09 18.80 -21.80
C MET B 39 -9.68 18.20 -21.88
N GLU B 40 -8.85 18.52 -20.88
CA GLU B 40 -7.46 18.05 -20.90
C GLU B 40 -7.36 16.53 -20.74
N MET B 41 -8.25 15.96 -19.92
CA MET B 41 -8.33 14.51 -19.75
C MET B 41 -8.73 13.84 -21.07
N ALA B 42 -9.67 14.44 -21.78
CA ALA B 42 -10.07 13.95 -23.12
C ALA B 42 -8.90 13.91 -24.11
N GLU B 43 -8.16 15.02 -24.20
CA GLU B 43 -6.94 15.08 -25.03
C GLU B 43 -5.95 13.96 -24.73
N LEU B 44 -5.68 13.73 -23.45
CA LEU B 44 -4.71 12.69 -23.03
C LEU B 44 -5.23 11.27 -23.23
N MET B 45 -6.55 11.09 -23.14
CA MET B 45 -7.17 9.80 -23.44
C MET B 45 -6.84 9.39 -24.89
N VAL B 46 -6.96 10.35 -25.79
CA VAL B 46 -6.58 10.13 -27.18
C VAL B 46 -5.07 9.96 -27.34
N SER B 47 -4.31 11.00 -26.97
CA SER B 47 -2.88 11.08 -27.31
C SER B 47 -2.02 10.02 -26.62
N GLU B 48 -2.48 9.52 -25.47
CA GLU B 48 -1.70 8.57 -24.68
C GLU B 48 -2.18 7.12 -24.76
N GLY B 49 -2.97 6.82 -25.79
CA GLY B 49 -3.34 5.44 -26.11
C GLY B 49 -4.48 4.83 -25.32
N TRP B 50 -5.12 5.62 -24.47
CA TRP B 50 -6.22 5.12 -23.62
C TRP B 50 -7.45 4.71 -24.42
N LYS B 51 -7.85 5.54 -25.38
CA LYS B 51 -8.99 5.24 -26.25
C LYS B 51 -8.72 3.98 -27.09
N ASP B 52 -7.52 3.87 -27.63
CA ASP B 52 -7.09 2.70 -28.38
C ASP B 52 -7.21 1.43 -27.55
N ALA B 53 -6.93 1.55 -26.25
CA ALA B 53 -7.00 0.42 -25.33
C ALA B 53 -8.45 0.05 -24.99
N GLY B 54 -9.40 0.95 -25.28
CA GLY B 54 -10.81 0.66 -25.08
C GLY B 54 -11.52 1.57 -24.08
N TYR B 55 -10.76 2.46 -23.42
CA TYR B 55 -11.34 3.43 -22.50
C TYR B 55 -12.02 4.54 -23.30
N GLU B 56 -13.34 4.45 -23.40
CA GLU B 56 -14.13 5.25 -24.34
C GLU B 56 -14.91 6.39 -23.67
N TYR B 57 -15.34 6.16 -22.44
CA TYR B 57 -16.22 7.08 -21.72
C TYR B 57 -15.49 8.02 -20.76
N LEU B 58 -15.51 9.30 -21.08
CA LEU B 58 -15.06 10.34 -20.16
C LEU B 58 -16.24 10.73 -19.27
N CYS B 59 -16.14 10.43 -17.99
CA CYS B 59 -17.30 10.57 -17.11
C CYS B 59 -17.12 11.62 -16.03
N ILE B 60 -18.09 12.53 -15.96
CA ILE B 60 -18.21 13.50 -14.88
C ILE B 60 -18.96 12.83 -13.74
N ASP B 61 -18.44 12.98 -12.54
CA ASP B 61 -19.11 12.51 -11.35
C ASP B 61 -19.79 13.71 -10.69
N ASP B 62 -19.96 13.67 -9.36
CA ASP B 62 -20.67 14.73 -8.62
C ASP B 62 -19.93 16.07 -8.67
N CYS B 63 -20.68 17.16 -8.42
CA CYS B 63 -20.13 18.51 -8.24
C CYS B 63 -19.80 19.25 -9.54
N TRP B 64 -20.64 19.03 -10.56
CA TRP B 64 -20.58 19.78 -11.80
C TRP B 64 -21.71 20.81 -11.88
N MET B 65 -22.76 20.61 -11.07
CA MET B 65 -23.99 21.41 -11.15
C MET B 65 -23.84 22.79 -10.53
N ALA B 66 -24.62 23.75 -11.04
CA ALA B 66 -24.81 25.02 -10.35
C ALA B 66 -25.71 24.73 -9.14
N PRO B 67 -25.65 25.59 -8.10
CA PRO B 67 -26.41 25.34 -6.86
C PRO B 67 -27.92 25.17 -7.07
N GLN B 68 -28.47 25.90 -8.06
CA GLN B 68 -29.90 25.92 -8.33
C GLN B 68 -30.20 25.50 -9.77
N ARG B 69 -31.44 25.06 -10.00
CA ARG B 69 -31.94 24.83 -11.35
C ARG B 69 -32.29 26.18 -11.98
N ASP B 70 -32.31 26.25 -13.32
CA ASP B 70 -32.62 27.50 -14.03
C ASP B 70 -34.11 27.88 -13.97
N SER B 71 -34.51 28.91 -14.72
CA SER B 71 -35.89 29.39 -14.74
C SER B 71 -36.86 28.41 -15.41
N GLU B 72 -36.32 27.52 -16.24
CA GLU B 72 -37.10 26.47 -16.90
C GLU B 72 -37.16 25.20 -16.05
N GLY B 73 -36.58 25.26 -14.85
CA GLY B 73 -36.57 24.13 -13.92
C GLY B 73 -35.58 23.04 -14.29
N ARG B 74 -34.69 23.36 -15.23
CA ARG B 74 -33.66 22.41 -15.68
C ARG B 74 -32.35 22.60 -14.93
N LEU B 75 -31.60 21.51 -14.80
CA LEU B 75 -30.26 21.54 -14.24
C LEU B 75 -29.36 22.43 -15.09
N GLN B 76 -28.36 23.03 -14.46
CA GLN B 76 -27.32 23.76 -15.18
C GLN B 76 -25.93 23.41 -14.65
N ALA B 77 -24.97 23.42 -15.56
CA ALA B 77 -23.57 23.32 -15.19
C ALA B 77 -23.17 24.59 -14.42
N ASP B 78 -22.26 24.45 -13.46
CA ASP B 78 -21.75 25.60 -12.73
C ASP B 78 -21.19 26.62 -13.73
N PRO B 79 -21.60 27.90 -13.61
CA PRO B 79 -21.16 28.88 -14.60
C PRO B 79 -19.70 29.32 -14.45
N GLN B 80 -19.15 29.24 -13.24
CA GLN B 80 -17.75 29.61 -13.03
C GLN B 80 -16.77 28.51 -13.44
N ARG B 81 -17.15 27.26 -13.18
CA ARG B 81 -16.26 26.11 -13.41
C ARG B 81 -16.52 25.44 -14.77
N PHE B 82 -17.74 25.58 -15.27
CA PHE B 82 -18.11 25.08 -16.60
C PHE B 82 -18.78 26.20 -17.42
N PRO B 83 -18.06 27.32 -17.67
CA PRO B 83 -18.71 28.45 -18.32
C PRO B 83 -19.26 28.19 -19.73
N HIS B 84 -18.83 27.10 -20.36
CA HIS B 84 -19.27 26.80 -21.72
C HIS B 84 -20.44 25.80 -21.79
N GLY B 85 -20.76 25.16 -20.67
CA GLY B 85 -21.90 24.26 -20.59
C GLY B 85 -21.58 22.85 -21.06
N ILE B 86 -22.47 21.92 -20.74
CA ILE B 86 -22.26 20.50 -20.99
C ILE B 86 -22.33 20.17 -22.48
N ARG B 87 -23.26 20.82 -23.18
CA ARG B 87 -23.46 20.59 -24.62
C ARG B 87 -22.14 20.78 -25.41
N GLN B 88 -21.46 21.89 -25.14
CA GLN B 88 -20.19 22.21 -25.77
C GLN B 88 -19.06 21.27 -25.36
N LEU B 89 -19.08 20.79 -24.11
CA LEU B 89 -18.12 19.80 -23.63
C LEU B 89 -18.35 18.44 -24.30
N ALA B 90 -19.61 18.04 -24.41
CA ALA B 90 -19.99 16.81 -25.11
C ALA B 90 -19.56 16.87 -26.58
N ASN B 91 -19.76 18.02 -27.22
CA ASN B 91 -19.27 18.27 -28.58
C ASN B 91 -17.76 18.07 -28.69
N TYR B 92 -17.03 18.62 -27.73
CA TYR B 92 -15.59 18.52 -27.68
C TYR B 92 -15.16 17.06 -27.50
N VAL B 93 -15.85 16.36 -26.60
CA VAL B 93 -15.57 14.95 -26.31
C VAL B 93 -15.84 14.03 -27.52
N HIS B 94 -17.00 14.21 -28.15
CA HIS B 94 -17.34 13.45 -29.37
C HIS B 94 -16.35 13.69 -30.52
N SER B 95 -15.86 14.93 -30.65
CA SER B 95 -14.96 15.27 -31.75
C SER B 95 -13.57 14.67 -31.56
N LYS B 96 -13.30 14.14 -30.36
CA LYS B 96 -12.11 13.35 -30.08
C LYS B 96 -12.42 11.84 -30.18
N GLY B 97 -13.62 11.51 -30.63
CA GLY B 97 -14.06 10.12 -30.77
C GLY B 97 -14.42 9.43 -29.47
N LEU B 98 -14.70 10.23 -28.43
CA LEU B 98 -15.00 9.69 -27.11
C LEU B 98 -16.46 9.91 -26.75
N LYS B 99 -16.90 9.32 -25.64
CA LYS B 99 -18.27 9.50 -25.17
C LYS B 99 -18.29 10.17 -23.79
N LEU B 100 -19.39 10.88 -23.50
CA LEU B 100 -19.48 11.66 -22.27
C LEU B 100 -20.44 11.07 -21.24
N GLY B 101 -19.91 10.84 -20.04
CA GLY B 101 -20.70 10.43 -18.90
C GLY B 101 -21.03 11.61 -17.99
N ILE B 102 -22.20 11.55 -17.37
CA ILE B 102 -22.57 12.56 -16.38
C ILE B 102 -23.12 11.89 -15.12
N TYR B 103 -23.49 12.71 -14.12
CA TYR B 103 -23.91 12.20 -12.83
C TYR B 103 -25.17 12.92 -12.34
N ALA B 104 -26.08 12.17 -11.73
CA ALA B 104 -27.24 12.74 -11.03
C ALA B 104 -27.62 11.85 -9.83
N ASP B 105 -28.69 12.21 -9.13
CA ASP B 105 -29.09 11.51 -7.90
C ASP B 105 -30.61 11.30 -7.82
N VAL B 106 -31.00 10.13 -7.35
CA VAL B 106 -32.41 9.73 -7.27
C VAL B 106 -33.19 10.55 -6.23
N GLY B 107 -32.48 11.09 -5.25
CA GLY B 107 -33.09 11.84 -4.16
C GLY B 107 -33.34 13.30 -4.45
N ASN B 108 -33.49 14.07 -3.38
CA ASN B 108 -33.68 15.52 -3.49
C ASN B 108 -32.38 16.30 -3.59
N LYS B 109 -31.28 15.67 -3.21
CA LYS B 109 -29.94 16.22 -3.38
C LYS B 109 -28.96 15.13 -3.82
N THR B 110 -27.91 15.53 -4.54
CA THR B 110 -26.80 14.63 -4.82
C THR B 110 -26.06 14.42 -3.50
N CYS B 111 -25.21 13.40 -3.45
CA CYS B 111 -24.46 13.12 -2.23
C CYS B 111 -23.69 14.31 -1.68
N ALA B 112 -23.15 15.14 -2.59
CA ALA B 112 -22.41 16.36 -2.22
C ALA B 112 -23.29 17.57 -1.91
N GLY B 113 -24.59 17.45 -2.17
CA GLY B 113 -25.55 18.48 -1.77
C GLY B 113 -26.13 19.33 -2.90
N PHE B 114 -25.84 18.97 -4.14
CA PHE B 114 -26.35 19.73 -5.30
C PHE B 114 -27.70 19.15 -5.78
N PRO B 115 -28.44 19.88 -6.65
CA PRO B 115 -29.81 19.47 -6.95
C PRO B 115 -30.04 17.98 -7.28
N GLY B 116 -31.02 17.39 -6.59
CA GLY B 116 -31.44 16.02 -6.87
C GLY B 116 -32.41 15.99 -8.04
N SER B 117 -32.70 14.78 -8.53
CA SER B 117 -33.54 14.61 -9.73
C SER B 117 -34.97 14.18 -9.43
N PHE B 118 -35.27 13.85 -8.17
CA PHE B 118 -36.64 13.52 -7.79
C PHE B 118 -37.58 14.65 -8.17
N GLY B 119 -38.69 14.31 -8.80
CA GLY B 119 -39.64 15.30 -9.31
C GLY B 119 -39.28 15.84 -10.68
N TYR B 120 -38.09 15.47 -11.18
CA TYR B 120 -37.57 15.98 -12.44
C TYR B 120 -36.97 14.88 -13.34
N TYR B 121 -37.36 13.62 -13.11
CA TYR B 121 -36.75 12.49 -13.83
C TYR B 121 -36.79 12.63 -15.34
N ASP B 122 -37.94 13.05 -15.88
CA ASP B 122 -38.13 13.09 -17.33
C ASP B 122 -37.43 14.25 -18.02
N ILE B 123 -37.52 15.44 -17.44
CA ILE B 123 -36.82 16.60 -18.00
C ILE B 123 -35.30 16.45 -17.89
N ASP B 124 -34.81 15.99 -16.74
CA ASP B 124 -33.37 15.74 -16.55
C ASP B 124 -32.83 14.73 -17.56
N ALA B 125 -33.56 13.64 -17.75
CA ALA B 125 -33.22 12.64 -18.77
C ALA B 125 -33.12 13.32 -20.14
N GLN B 126 -34.14 14.10 -20.47
CA GLN B 126 -34.20 14.83 -21.74
C GLN B 126 -33.11 15.90 -21.85
N THR B 127 -32.84 16.58 -20.73
CA THR B 127 -31.77 17.57 -20.67
C THR B 127 -30.44 16.92 -21.06
N PHE B 128 -30.10 15.81 -20.40
CA PHE B 128 -28.89 15.07 -20.70
C PHE B 128 -28.80 14.64 -22.15
N ALA B 129 -29.91 14.12 -22.68
CA ALA B 129 -30.01 13.69 -24.08
C ALA B 129 -29.83 14.85 -25.05
N ASP B 130 -30.49 15.98 -24.75
CA ASP B 130 -30.33 17.21 -25.54
C ASP B 130 -28.87 17.67 -25.53
N TRP B 131 -28.20 17.49 -24.39
CA TRP B 131 -26.80 17.88 -24.20
C TRP B 131 -25.82 16.92 -24.87
N GLY B 132 -26.31 15.76 -25.31
CA GLY B 132 -25.49 14.77 -25.98
C GLY B 132 -24.74 13.85 -25.04
N VAL B 133 -25.31 13.63 -23.86
CA VAL B 133 -24.74 12.71 -22.87
C VAL B 133 -24.93 11.24 -23.30
N ASP B 134 -23.91 10.42 -23.05
CA ASP B 134 -23.86 9.02 -23.50
C ASP B 134 -23.91 8.00 -22.36
N LEU B 135 -23.74 8.49 -21.13
CA LEU B 135 -23.77 7.67 -19.93
C LEU B 135 -24.27 8.51 -18.76
N LEU B 136 -25.12 7.92 -17.92
CA LEU B 136 -25.52 8.52 -16.66
C LEU B 136 -25.22 7.63 -15.45
N LYS B 137 -24.47 8.18 -14.50
CA LYS B 137 -24.27 7.56 -13.20
C LYS B 137 -25.31 8.16 -12.25
N PHE B 138 -26.12 7.32 -11.64
CA PHE B 138 -27.29 7.77 -10.87
C PHE B 138 -27.17 7.35 -9.41
N ASP B 139 -26.85 8.30 -8.54
CA ASP B 139 -26.55 8.00 -7.14
C ASP B 139 -27.81 7.96 -6.26
N GLY B 140 -27.67 7.45 -5.03
CA GLY B 140 -28.82 7.15 -4.17
C GLY B 140 -28.98 7.96 -2.90
N CYS B 141 -28.28 9.08 -2.79
CA CYS B 141 -28.32 9.89 -1.58
C CYS B 141 -29.62 10.66 -1.40
N TYR B 142 -29.92 10.98 -0.14
CA TYR B 142 -31.09 11.78 0.24
C TYR B 142 -32.38 11.18 -0.33
N CYS B 143 -32.54 9.89 -0.06
CA CYS B 143 -33.73 9.12 -0.41
C CYS B 143 -33.92 7.99 0.62
N ASP B 144 -34.46 8.34 1.77
CA ASP B 144 -34.58 7.41 2.91
C ASP B 144 -35.83 6.51 2.88
N SER B 145 -36.47 6.42 1.72
CA SER B 145 -37.66 5.59 1.51
C SER B 145 -37.41 4.52 0.44
N LEU B 146 -37.45 3.26 0.87
CA LEU B 146 -37.23 2.10 -0.01
C LEU B 146 -38.06 2.20 -1.30
N GLU B 147 -39.34 2.58 -1.15
CA GLU B 147 -40.25 2.74 -2.28
C GLU B 147 -39.75 3.79 -3.29
N ASN B 148 -39.45 4.98 -2.81
CA ASN B 148 -38.97 6.07 -3.65
C ASN B 148 -37.67 5.72 -4.39
N LEU B 149 -36.79 4.99 -3.70
CA LEU B 149 -35.54 4.51 -4.29
C LEU B 149 -35.82 3.66 -5.53
N ALA B 150 -36.57 2.59 -5.35
CA ALA B 150 -36.95 1.67 -6.43
C ALA B 150 -37.69 2.39 -7.56
N ASP B 151 -38.69 3.19 -7.20
CA ASP B 151 -39.50 3.93 -8.17
C ASP B 151 -38.67 4.93 -8.99
N GLY B 152 -37.80 5.67 -8.31
CA GLY B 152 -36.92 6.64 -8.97
C GLY B 152 -35.94 6.01 -9.94
N TYR B 153 -35.32 4.91 -9.53
CA TYR B 153 -34.40 4.15 -10.39
C TYR B 153 -35.09 3.56 -11.61
N LYS B 154 -36.30 3.03 -11.42
CA LYS B 154 -37.10 2.50 -12.51
C LYS B 154 -37.55 3.62 -13.45
N HIS B 155 -38.04 4.72 -12.87
CA HIS B 155 -38.52 5.87 -13.63
C HIS B 155 -37.39 6.45 -14.52
N MET B 156 -36.24 6.73 -13.92
CA MET B 156 -35.11 7.29 -14.66
C MET B 156 -34.68 6.40 -15.83
N SER B 157 -34.68 5.09 -15.61
CA SER B 157 -34.39 4.11 -16.65
C SER B 157 -35.32 4.29 -17.86
N LEU B 158 -36.63 4.33 -17.58
CA LEU B 158 -37.63 4.49 -18.63
C LEU B 158 -37.58 5.89 -19.24
N ALA B 159 -37.24 6.87 -18.42
CA ALA B 159 -37.16 8.26 -18.85
C ALA B 159 -36.04 8.45 -19.88
N LEU B 160 -34.90 7.81 -19.63
CA LEU B 160 -33.77 7.85 -20.56
C LEU B 160 -34.11 7.14 -21.87
N ASN B 161 -34.78 5.99 -21.76
CA ASN B 161 -35.24 5.23 -22.91
C ASN B 161 -36.06 6.08 -23.88
N ARG B 162 -37.00 6.85 -23.34
CA ARG B 162 -37.95 7.64 -24.14
C ARG B 162 -37.32 8.82 -24.87
N THR B 163 -36.06 9.13 -24.57
CA THR B 163 -35.33 10.17 -25.29
C THR B 163 -34.87 9.68 -26.66
N GLY B 164 -34.84 8.37 -26.84
CA GLY B 164 -34.39 7.76 -28.09
C GLY B 164 -32.88 7.63 -28.22
N ARG B 165 -32.15 8.32 -27.32
CA ARG B 165 -30.70 8.33 -27.35
C ARG B 165 -30.13 7.19 -26.54
N SER B 166 -29.07 6.57 -27.06
CA SER B 166 -28.37 5.51 -26.36
C SER B 166 -27.56 6.09 -25.20
N ILE B 167 -27.98 5.77 -23.98
CA ILE B 167 -27.32 6.21 -22.76
C ILE B 167 -27.05 5.02 -21.84
N VAL B 168 -25.79 4.81 -21.49
CA VAL B 168 -25.43 3.79 -20.51
C VAL B 168 -25.97 4.24 -19.15
N TYR B 169 -26.72 3.36 -18.50
CA TYR B 169 -27.34 3.67 -17.22
C TYR B 169 -26.65 2.91 -16.08
N SER B 170 -25.97 3.68 -15.23
CA SER B 170 -25.15 3.18 -14.13
C SER B 170 -25.85 3.48 -12.79
N CYS B 171 -26.15 2.44 -12.03
CA CYS B 171 -27.01 2.56 -10.85
C CYS B 171 -26.34 2.24 -9.52
N GLU B 172 -26.52 3.09 -8.52
CA GLU B 172 -26.07 2.79 -7.15
C GLU B 172 -27.19 2.17 -6.32
N TRP B 173 -28.23 1.71 -7.02
CA TRP B 173 -29.45 1.15 -6.45
C TRP B 173 -29.25 0.01 -5.40
N PRO B 174 -28.45 -1.03 -5.71
CA PRO B 174 -28.31 -2.11 -4.71
C PRO B 174 -27.60 -1.65 -3.42
N LEU B 175 -26.60 -0.77 -3.56
CA LEU B 175 -25.84 -0.21 -2.42
C LEU B 175 -26.72 0.58 -1.45
N TYR B 176 -27.62 1.40 -1.96
CA TYR B 176 -28.49 2.22 -1.12
C TYR B 176 -29.74 1.47 -0.66
N MET B 177 -29.88 0.23 -1.10
CA MET B 177 -30.94 -0.66 -0.66
C MET B 177 -30.52 -1.49 0.55
N TRP B 178 -29.22 -1.78 0.66
CA TRP B 178 -28.63 -2.60 1.75
C TRP B 178 -29.16 -2.31 3.17
N PRO B 179 -29.16 -1.02 3.60
CA PRO B 179 -29.66 -0.68 4.94
C PRO B 179 -31.12 -1.07 5.24
N PHE B 180 -31.88 -1.40 4.20
CA PHE B 180 -33.31 -1.68 4.34
C PHE B 180 -33.63 -3.16 4.14
N GLN B 181 -33.36 -3.66 2.93
CA GLN B 181 -33.59 -5.07 2.59
C GLN B 181 -32.64 -5.49 1.49
N LYS B 182 -32.48 -6.81 1.31
CA LYS B 182 -31.60 -7.33 0.26
C LYS B 182 -32.14 -6.95 -1.13
N PRO B 183 -31.23 -6.60 -2.06
CA PRO B 183 -31.66 -6.20 -3.41
C PRO B 183 -32.19 -7.37 -4.24
N ASN B 184 -33.16 -7.09 -5.10
CA ASN B 184 -33.58 -8.04 -6.12
C ASN B 184 -32.84 -7.74 -7.41
N TYR B 185 -31.89 -8.61 -7.76
CA TYR B 185 -30.98 -8.35 -8.86
C TYR B 185 -31.58 -8.57 -10.25
N THR B 186 -32.59 -9.43 -10.33
CA THR B 186 -33.39 -9.60 -11.54
C THR B 186 -34.05 -8.27 -11.92
N GLU B 187 -34.66 -7.63 -10.92
CA GLU B 187 -35.29 -6.32 -11.08
C GLU B 187 -34.27 -5.23 -11.48
N ILE B 188 -33.15 -5.15 -10.75
CA ILE B 188 -32.09 -4.18 -11.02
C ILE B 188 -31.50 -4.36 -12.43
N ARG B 189 -31.21 -5.61 -12.78
CA ARG B 189 -30.69 -5.96 -14.11
C ARG B 189 -31.60 -5.52 -15.25
N GLN B 190 -32.90 -5.57 -15.00
CA GLN B 190 -33.91 -5.15 -15.97
C GLN B 190 -33.81 -3.66 -16.30
N TYR B 191 -33.36 -2.87 -15.33
CA TYR B 191 -33.39 -1.41 -15.45
C TYR B 191 -32.02 -0.75 -15.62
N CYS B 192 -30.95 -1.47 -15.26
CA CYS B 192 -29.60 -0.90 -15.23
C CYS B 192 -28.56 -1.68 -16.05
N ASN B 193 -27.61 -0.95 -16.65
CA ASN B 193 -26.49 -1.56 -17.39
C ASN B 193 -25.36 -2.03 -16.48
N HIS B 194 -25.18 -1.33 -15.37
CA HIS B 194 -24.37 -1.82 -14.26
C HIS B 194 -24.77 -1.17 -12.95
N TRP B 195 -24.35 -1.77 -11.85
CA TRP B 195 -24.80 -1.35 -10.54
C TRP B 195 -23.71 -1.51 -9.48
N ARG B 196 -23.57 -0.47 -8.64
CA ARG B 196 -22.63 -0.49 -7.52
C ARG B 196 -23.23 -1.29 -6.36
N ASN B 197 -22.50 -2.30 -5.90
CA ASN B 197 -22.99 -3.14 -4.81
C ASN B 197 -22.48 -2.71 -3.44
N PHE B 198 -21.29 -2.12 -3.41
CA PHE B 198 -20.55 -1.91 -2.17
C PHE B 198 -20.03 -0.49 -1.99
N ALA B 199 -19.62 -0.18 -0.75
CA ALA B 199 -19.14 1.16 -0.40
C ALA B 199 -18.04 1.69 -1.34
N ASP B 200 -17.96 3.01 -1.45
CA ASP B 200 -16.97 3.69 -2.30
C ASP B 200 -15.53 3.19 -2.08
N ILE B 201 -14.83 2.95 -3.17
CA ILE B 201 -13.42 2.63 -3.10
C ILE B 201 -12.62 3.87 -2.70
N ASP B 202 -11.51 3.67 -2.03
CA ASP B 202 -10.54 4.74 -1.88
C ASP B 202 -9.14 4.25 -2.27
N ASP B 203 -8.14 5.09 -2.07
CA ASP B 203 -6.78 4.81 -2.54
C ASP B 203 -6.03 4.01 -1.50
N SER B 204 -6.44 2.76 -1.30
CA SER B 204 -5.83 1.90 -0.29
C SER B 204 -5.99 0.42 -0.58
N TRP B 205 -5.01 -0.34 -0.11
CA TRP B 205 -5.03 -1.80 -0.19
C TRP B 205 -6.16 -2.33 0.67
N LYS B 206 -6.35 -1.74 1.84
CA LYS B 206 -7.48 -2.05 2.72
C LYS B 206 -8.82 -2.07 1.97
N SER B 207 -9.06 -1.04 1.18
CA SER B 207 -10.30 -0.89 0.43
C SER B 207 -10.43 -1.94 -0.67
N ILE B 208 -9.34 -2.26 -1.35
CA ILE B 208 -9.35 -3.35 -2.36
C ILE B 208 -9.75 -4.66 -1.71
N LYS B 209 -9.12 -4.99 -0.59
CA LYS B 209 -9.40 -6.21 0.17
C LYS B 209 -10.86 -6.32 0.58
N SER B 210 -11.39 -5.24 1.17
CA SER B 210 -12.77 -5.24 1.62
C SER B 210 -13.74 -5.46 0.44
N ILE B 211 -13.45 -4.85 -0.71
CA ILE B 211 -14.26 -5.08 -1.91
C ILE B 211 -14.17 -6.54 -2.39
N LEU B 212 -12.98 -7.12 -2.39
CA LEU B 212 -12.81 -8.52 -2.79
C LEU B 212 -13.54 -9.45 -1.82
N ASP B 213 -13.37 -9.21 -0.52
CA ASP B 213 -13.99 -10.03 0.50
C ASP B 213 -15.51 -9.91 0.50
N TRP B 214 -16.03 -8.72 0.21
CA TRP B 214 -17.48 -8.51 0.07
C TRP B 214 -18.03 -9.25 -1.14
N THR B 215 -17.28 -9.23 -2.23
CA THR B 215 -17.67 -9.89 -3.46
C THR B 215 -17.70 -11.40 -3.27
N SER B 216 -16.59 -11.96 -2.79
CA SER B 216 -16.52 -13.41 -2.59
C SER B 216 -17.47 -13.90 -1.50
N PHE B 217 -17.71 -13.09 -0.48
CA PHE B 217 -18.68 -13.45 0.55
C PHE B 217 -20.09 -13.51 -0.02
N ASN B 218 -20.39 -12.60 -0.95
CA ASN B 218 -21.71 -12.48 -1.53
C ASN B 218 -21.86 -13.13 -2.90
N GLN B 219 -20.94 -14.01 -3.26
CA GLN B 219 -20.85 -14.42 -4.67
C GLN B 219 -22.03 -15.25 -5.19
N GLU B 220 -22.56 -16.12 -4.33
CA GLU B 220 -23.74 -16.93 -4.65
C GLU B 220 -24.94 -16.06 -5.00
N ARG B 221 -24.91 -14.79 -4.58
CA ARG B 221 -26.03 -13.87 -4.82
C ARG B 221 -25.84 -12.99 -6.06
N ILE B 222 -24.59 -12.64 -6.38
CA ILE B 222 -24.35 -11.63 -7.42
C ILE B 222 -23.70 -12.13 -8.72
N VAL B 223 -22.98 -13.24 -8.66
CA VAL B 223 -22.16 -13.69 -9.79
C VAL B 223 -22.97 -14.01 -11.05
N ASP B 224 -24.03 -14.81 -10.88
CA ASP B 224 -24.82 -15.31 -12.00
C ASP B 224 -25.77 -14.29 -12.61
N VAL B 225 -26.02 -13.18 -11.93
CA VAL B 225 -26.90 -12.14 -12.47
C VAL B 225 -26.17 -11.27 -13.52
N ALA B 226 -24.85 -11.23 -13.41
CA ALA B 226 -24.00 -10.51 -14.35
C ALA B 226 -24.00 -11.18 -15.74
N GLY B 227 -23.88 -10.37 -16.78
CA GLY B 227 -23.91 -10.85 -18.16
C GLY B 227 -24.00 -9.66 -19.11
N PRO B 228 -23.84 -9.90 -20.42
CA PRO B 228 -23.94 -8.81 -21.39
C PRO B 228 -25.17 -7.92 -21.13
N GLY B 229 -24.93 -6.62 -20.99
CA GLY B 229 -26.01 -5.66 -20.75
C GLY B 229 -26.24 -5.31 -19.29
N GLY B 230 -25.56 -6.01 -18.38
CA GLY B 230 -25.78 -5.84 -16.95
C GLY B 230 -24.66 -6.43 -16.11
N TRP B 231 -23.87 -5.56 -15.49
CA TRP B 231 -22.67 -5.95 -14.76
C TRP B 231 -22.70 -5.51 -13.31
N ASN B 232 -22.04 -6.29 -12.46
CA ASN B 232 -21.75 -5.84 -11.10
C ASN B 232 -20.65 -4.81 -11.17
N ASP B 233 -20.80 -3.72 -10.41
CA ASP B 233 -19.79 -2.67 -10.38
C ASP B 233 -19.12 -2.62 -9.00
N PRO B 234 -17.85 -3.08 -8.92
CA PRO B 234 -17.09 -3.04 -7.66
C PRO B 234 -16.33 -1.72 -7.46
N ASP B 235 -16.63 -0.74 -8.31
CA ASP B 235 -16.11 0.63 -8.25
C ASP B 235 -14.83 0.85 -9.04
N MET B 236 -14.35 2.10 -9.04
CA MET B 236 -13.29 2.57 -9.92
C MET B 236 -11.95 1.84 -9.74
N LEU B 237 -11.19 1.79 -10.84
CA LEU B 237 -9.78 1.42 -10.78
C LEU B 237 -8.98 2.60 -10.23
N VAL B 238 -8.18 2.35 -9.20
CA VAL B 238 -7.41 3.40 -8.55
C VAL B 238 -5.90 3.22 -8.80
N ILE B 239 -5.57 2.35 -9.74
CA ILE B 239 -4.21 2.19 -10.26
C ILE B 239 -3.73 3.52 -10.87
N GLY B 240 -2.49 3.90 -10.56
CA GLY B 240 -1.91 5.14 -11.06
C GLY B 240 -1.88 6.26 -10.05
N ASN B 241 -2.46 6.00 -8.88
CA ASN B 241 -2.52 6.98 -7.81
C ASN B 241 -1.43 6.74 -6.76
N PHE B 242 -1.76 6.71 -5.47
CA PHE B 242 -0.75 6.88 -4.42
C PHE B 242 -0.66 5.79 -3.36
N GLY B 243 -1.77 5.09 -3.13
CA GLY B 243 -1.91 4.23 -1.95
C GLY B 243 -1.65 2.75 -2.16
N LEU B 244 -1.45 2.35 -3.41
CA LEU B 244 -1.24 0.94 -3.76
C LEU B 244 0.19 0.66 -4.21
N SER B 245 0.79 -0.38 -3.63
CA SER B 245 2.06 -0.90 -4.11
C SER B 245 1.87 -1.48 -5.51
N TRP B 246 2.96 -1.69 -6.24
CA TRP B 246 2.87 -2.29 -7.58
C TRP B 246 2.11 -3.62 -7.57
N ASN B 247 2.41 -4.47 -6.60
CA ASN B 247 1.72 -5.76 -6.47
C ASN B 247 0.23 -5.62 -6.19
N GLN B 248 -0.13 -4.64 -5.38
CA GLN B 248 -1.52 -4.35 -5.07
C GLN B 248 -2.30 -3.83 -6.29
N GLN B 249 -1.64 -2.99 -7.10
CA GLN B 249 -2.19 -2.54 -8.38
C GLN B 249 -2.40 -3.70 -9.36
N VAL B 250 -1.45 -4.63 -9.44
CA VAL B 250 -1.62 -5.85 -10.22
C VAL B 250 -2.85 -6.62 -9.72
N THR B 251 -2.97 -6.76 -8.40
CA THR B 251 -4.12 -7.45 -7.82
C THR B 251 -5.45 -6.85 -8.28
N GLN B 252 -5.55 -5.52 -8.25
CA GLN B 252 -6.79 -4.85 -8.68
C GLN B 252 -7.11 -5.07 -10.15
N MET B 253 -6.12 -4.87 -11.02
CA MET B 253 -6.33 -5.08 -12.45
C MET B 253 -6.77 -6.50 -12.76
N ALA B 254 -6.04 -7.48 -12.21
CA ALA B 254 -6.33 -8.90 -12.40
C ALA B 254 -7.76 -9.27 -11.97
N LEU B 255 -8.12 -8.86 -10.77
CA LEU B 255 -9.39 -9.27 -10.17
C LEU B 255 -10.58 -8.56 -10.77
N TRP B 256 -10.40 -7.31 -11.20
CA TRP B 256 -11.44 -6.59 -11.93
C TRP B 256 -11.69 -7.26 -13.29
N ALA B 257 -10.67 -7.89 -13.85
CA ALA B 257 -10.84 -8.72 -15.05
C ALA B 257 -11.61 -10.01 -14.74
N ILE B 258 -11.26 -10.68 -13.64
CA ILE B 258 -11.98 -11.89 -13.19
C ILE B 258 -13.47 -11.59 -12.95
N MET B 259 -13.73 -10.42 -12.37
CA MET B 259 -15.09 -10.08 -11.95
C MET B 259 -15.96 -9.51 -13.07
N ALA B 260 -15.45 -9.47 -14.30
CA ALA B 260 -16.20 -8.86 -15.41
C ALA B 260 -16.72 -7.50 -14.99
N ALA B 261 -15.83 -6.72 -14.38
CA ALA B 261 -16.15 -5.40 -13.85
C ALA B 261 -16.08 -4.32 -14.93
N PRO B 262 -16.95 -3.30 -14.83
CA PRO B 262 -16.69 -2.09 -15.60
C PRO B 262 -15.32 -1.53 -15.19
N LEU B 263 -14.58 -0.96 -16.14
CA LEU B 263 -13.26 -0.44 -15.85
C LEU B 263 -13.26 1.07 -15.97
N PHE B 264 -13.60 1.74 -14.87
CA PHE B 264 -13.51 3.20 -14.81
C PHE B 264 -12.27 3.62 -14.01
N MET B 265 -11.25 4.08 -14.73
CA MET B 265 -10.06 4.61 -14.10
C MET B 265 -10.44 5.90 -13.37
N SER B 266 -9.94 6.06 -12.15
CA SER B 266 -10.01 7.34 -11.47
C SER B 266 -8.58 7.69 -11.04
N ASN B 267 -7.93 8.49 -11.86
CA ASN B 267 -6.53 8.83 -11.71
C ASN B 267 -6.28 10.14 -12.45
N ASP B 268 -5.02 10.60 -12.46
CA ASP B 268 -4.66 11.76 -13.25
C ASP B 268 -3.80 11.33 -14.44
N LEU B 269 -4.43 11.33 -15.62
CA LEU B 269 -3.75 10.93 -16.86
C LEU B 269 -2.56 11.81 -17.23
N ARG B 270 -2.49 13.00 -16.64
CA ARG B 270 -1.37 13.94 -16.83
C ARG B 270 -0.13 13.56 -16.01
N HIS B 271 -0.36 12.85 -14.90
CA HIS B 271 0.72 12.45 -14.00
C HIS B 271 0.51 11.00 -13.63
N ILE B 272 1.10 10.10 -14.42
CA ILE B 272 0.94 8.65 -14.22
C ILE B 272 2.21 7.92 -14.67
N SER B 273 2.66 6.95 -13.87
CA SER B 273 3.91 6.24 -14.13
C SER B 273 3.78 5.33 -15.35
N PRO B 274 4.91 5.08 -16.05
CA PRO B 274 4.89 4.15 -17.18
C PRO B 274 4.39 2.75 -16.79
N GLN B 275 4.70 2.32 -15.58
CA GLN B 275 4.30 0.99 -15.09
C GLN B 275 2.78 0.89 -14.90
N ALA B 276 2.18 1.89 -14.25
CA ALA B 276 0.73 1.95 -14.06
C ALA B 276 -0.02 2.02 -15.39
N LYS B 277 0.52 2.82 -16.32
CA LYS B 277 -0.05 2.95 -17.66
C LYS B 277 -0.02 1.62 -18.41
N ALA B 278 1.15 0.97 -18.43
CA ALA B 278 1.33 -0.33 -19.07
C ALA B 278 0.35 -1.38 -18.52
N LEU B 279 0.16 -1.39 -17.20
CA LEU B 279 -0.81 -2.29 -16.56
C LEU B 279 -2.24 -1.99 -17.00
N LEU B 280 -2.63 -0.72 -16.96
CA LEU B 280 -4.00 -0.33 -17.28
C LEU B 280 -4.37 -0.55 -18.75
N GLN B 281 -3.35 -0.52 -19.61
CA GLN B 281 -3.51 -0.71 -21.05
C GLN B 281 -3.10 -2.12 -21.50
N ASP B 282 -2.92 -3.04 -20.54
CA ASP B 282 -2.52 -4.41 -20.85
C ASP B 282 -3.59 -5.09 -21.69
N LYS B 283 -3.30 -5.28 -22.98
CA LYS B 283 -4.29 -5.78 -23.96
C LYS B 283 -4.86 -7.18 -23.65
N ASP B 284 -4.01 -8.06 -23.14
CA ASP B 284 -4.40 -9.43 -22.82
C ASP B 284 -5.28 -9.49 -21.59
N VAL B 285 -4.97 -8.65 -20.61
CA VAL B 285 -5.77 -8.56 -19.38
C VAL B 285 -7.12 -7.87 -19.66
N ILE B 286 -7.08 -6.78 -20.42
CA ILE B 286 -8.30 -6.12 -20.90
C ILE B 286 -9.18 -7.10 -21.68
N ALA B 287 -8.57 -7.92 -22.54
CA ALA B 287 -9.28 -8.94 -23.30
C ALA B 287 -10.04 -9.92 -22.40
N ILE B 288 -9.47 -10.26 -21.24
CA ILE B 288 -10.17 -11.12 -20.28
C ILE B 288 -11.40 -10.41 -19.72
N ASN B 289 -11.23 -9.17 -19.28
CA ASN B 289 -12.35 -8.34 -18.82
C ASN B 289 -13.45 -8.20 -19.87
N GLN B 290 -13.05 -8.05 -21.13
CA GLN B 290 -13.97 -7.79 -22.24
C GLN B 290 -14.41 -9.06 -22.97
N ASP B 291 -14.17 -10.23 -22.35
CA ASP B 291 -14.52 -11.50 -22.98
C ASP B 291 -16.00 -11.51 -23.38
N PRO B 292 -16.30 -11.84 -24.66
CA PRO B 292 -17.65 -11.80 -25.23
C PRO B 292 -18.70 -12.67 -24.51
N LEU B 293 -18.29 -13.79 -23.92
CA LEU B 293 -19.18 -14.67 -23.14
C LEU B 293 -19.87 -13.89 -22.01
N GLY B 294 -19.15 -12.97 -21.38
CA GLY B 294 -19.71 -12.10 -20.34
C GLY B 294 -20.17 -12.84 -19.09
N LYS B 295 -19.41 -13.88 -18.73
CA LYS B 295 -19.67 -14.67 -17.54
C LYS B 295 -18.72 -14.21 -16.43
N GLN B 296 -19.27 -13.68 -15.33
CA GLN B 296 -18.45 -13.22 -14.22
C GLN B 296 -17.74 -14.40 -13.56
N GLY B 297 -16.50 -14.18 -13.14
CA GLY B 297 -15.75 -15.17 -12.38
C GLY B 297 -16.08 -15.17 -10.91
N TYR B 298 -15.34 -15.94 -10.12
CA TYR B 298 -15.71 -16.24 -8.73
C TYR B 298 -14.49 -16.73 -7.96
N GLN B 299 -14.61 -16.75 -6.64
CA GLN B 299 -13.58 -17.34 -5.79
C GLN B 299 -13.77 -18.86 -5.73
N LEU B 300 -12.75 -19.59 -6.17
CA LEU B 300 -12.78 -21.05 -6.21
C LEU B 300 -12.34 -21.63 -4.87
N ARG B 301 -11.26 -21.07 -4.32
CA ARG B 301 -10.59 -21.60 -3.13
C ARG B 301 -10.06 -20.48 -2.25
N GLN B 302 -9.99 -20.77 -0.96
CA GLN B 302 -9.51 -19.83 0.04
C GLN B 302 -8.96 -20.62 1.22
N GLY B 303 -7.75 -20.27 1.64
CA GLY B 303 -7.10 -20.91 2.79
C GLY B 303 -5.62 -20.67 2.82
N ASP B 304 -5.06 -20.63 4.04
CA ASP B 304 -3.64 -20.37 4.29
C ASP B 304 -3.18 -19.06 3.65
N ASN B 305 -4.00 -18.02 3.82
CA ASN B 305 -3.77 -16.72 3.23
C ASN B 305 -3.50 -16.74 1.71
N PHE B 306 -4.17 -17.67 1.03
CA PHE B 306 -4.21 -17.71 -0.42
C PHE B 306 -5.65 -17.61 -0.90
N GLU B 307 -5.85 -17.04 -2.08
CA GLU B 307 -7.14 -17.12 -2.77
C GLU B 307 -6.94 -17.56 -4.20
N VAL B 308 -7.78 -18.46 -4.67
CA VAL B 308 -7.81 -18.84 -6.08
C VAL B 308 -9.15 -18.38 -6.66
N TRP B 309 -9.09 -17.49 -7.65
CA TRP B 309 -10.27 -17.12 -8.40
C TRP B 309 -10.15 -17.61 -9.84
N GLU B 310 -11.29 -17.87 -10.48
CA GLU B 310 -11.29 -18.20 -11.90
C GLU B 310 -12.49 -17.64 -12.64
N ARG B 311 -12.33 -17.43 -13.94
CA ARG B 311 -13.41 -16.96 -14.80
C ARG B 311 -13.45 -17.77 -16.09
N PRO B 312 -14.63 -18.31 -16.43
CA PRO B 312 -14.81 -18.97 -17.72
C PRO B 312 -14.83 -17.95 -18.87
N LEU B 313 -14.09 -18.27 -19.91
CA LEU B 313 -13.97 -17.39 -21.06
C LEU B 313 -14.57 -18.08 -22.28
N SER B 314 -14.76 -17.29 -23.32
CA SER B 314 -15.25 -17.75 -24.60
C SER B 314 -14.31 -18.82 -25.16
N GLY B 315 -14.87 -19.82 -25.84
CA GLY B 315 -14.08 -20.86 -26.48
C GLY B 315 -13.31 -21.79 -25.55
N LEU B 316 -13.94 -22.13 -24.42
CA LEU B 316 -13.40 -23.11 -23.46
C LEU B 316 -12.07 -22.69 -22.82
N ALA B 317 -11.83 -21.39 -22.75
CA ALA B 317 -10.64 -20.85 -22.10
C ALA B 317 -11.00 -20.39 -20.69
N TRP B 318 -9.99 -20.30 -19.83
CA TRP B 318 -10.19 -19.83 -18.46
C TRP B 318 -9.10 -18.86 -18.02
N ALA B 319 -9.50 -17.87 -17.24
CA ALA B 319 -8.53 -17.04 -16.53
C ALA B 319 -8.52 -17.51 -15.07
N VAL B 320 -7.32 -17.61 -14.51
CA VAL B 320 -7.14 -18.00 -13.12
C VAL B 320 -6.27 -16.95 -12.43
N ALA B 321 -6.75 -16.49 -11.27
CA ALA B 321 -6.00 -15.53 -10.46
C ALA B 321 -5.68 -16.16 -9.10
N MET B 322 -4.41 -16.09 -8.73
CA MET B 322 -3.96 -16.57 -7.42
C MET B 322 -3.45 -15.39 -6.58
N ILE B 323 -4.10 -15.15 -5.44
CA ILE B 323 -3.77 -14.03 -4.56
C ILE B 323 -3.06 -14.54 -3.31
N ASN B 324 -1.97 -13.87 -2.95
CA ASN B 324 -1.29 -14.10 -1.68
C ASN B 324 -1.69 -12.99 -0.71
N ARG B 325 -2.45 -13.37 0.32
CA ARG B 325 -2.99 -12.41 1.28
C ARG B 325 -2.13 -12.26 2.55
N GLN B 326 -1.02 -12.99 2.62
CA GLN B 326 -0.09 -12.86 3.72
C GLN B 326 0.74 -11.60 3.49
N GLU B 327 0.74 -10.71 4.48
CA GLU B 327 1.31 -9.37 4.32
C GLU B 327 2.63 -9.22 5.06
N ILE B 328 3.41 -10.30 5.02
CA ILE B 328 4.71 -10.40 5.68
C ILE B 328 5.54 -11.42 4.88
N GLY B 329 6.87 -11.38 5.01
CA GLY B 329 7.75 -12.32 4.34
C GLY B 329 7.93 -12.06 2.84
N GLY B 330 8.16 -13.15 2.11
CA GLY B 330 8.46 -13.07 0.69
C GLY B 330 7.49 -13.86 -0.17
N PRO B 331 7.84 -14.06 -1.46
CA PRO B 331 6.97 -14.79 -2.36
C PRO B 331 6.69 -16.21 -1.83
N ARG B 332 5.44 -16.64 -1.93
CA ARG B 332 5.06 -17.95 -1.43
C ARG B 332 4.62 -18.85 -2.59
N SER B 333 5.04 -20.11 -2.53
CA SER B 333 4.65 -21.05 -3.56
C SER B 333 3.23 -21.54 -3.33
N TYR B 334 2.50 -21.70 -4.42
CA TYR B 334 1.19 -22.31 -4.39
C TYR B 334 1.11 -23.32 -5.52
N THR B 335 0.68 -24.54 -5.20
CA THR B 335 0.47 -25.55 -6.23
C THR B 335 -0.98 -26.05 -6.26
N ILE B 336 -1.47 -26.28 -7.48
CA ILE B 336 -2.82 -26.79 -7.68
C ILE B 336 -2.82 -27.74 -8.88
N ALA B 337 -3.59 -28.83 -8.79
CA ALA B 337 -3.80 -29.71 -9.92
C ALA B 337 -4.66 -28.97 -10.95
N VAL B 338 -4.23 -28.98 -12.20
CA VAL B 338 -4.96 -28.27 -13.26
C VAL B 338 -6.38 -28.85 -13.45
N ALA B 339 -6.56 -30.11 -13.04
CA ALA B 339 -7.87 -30.76 -13.03
C ALA B 339 -8.87 -30.03 -12.14
N SER B 340 -8.39 -29.33 -11.12
CA SER B 340 -9.25 -28.56 -10.22
C SER B 340 -9.70 -27.23 -10.83
N LEU B 341 -8.98 -26.79 -11.85
CA LEU B 341 -9.23 -25.51 -12.51
C LEU B 341 -10.23 -25.65 -13.65
N GLY B 342 -11.05 -24.63 -13.83
CA GLY B 342 -11.99 -24.57 -14.94
C GLY B 342 -13.00 -25.71 -14.95
N LYS B 343 -13.46 -26.09 -13.76
CA LYS B 343 -14.44 -27.17 -13.55
C LYS B 343 -13.98 -28.50 -14.15
N GLY B 344 -12.66 -28.67 -14.25
CA GLY B 344 -12.07 -29.86 -14.85
C GLY B 344 -12.13 -29.91 -16.38
N VAL B 345 -12.55 -28.80 -16.98
CA VAL B 345 -12.78 -28.72 -18.42
C VAL B 345 -11.65 -27.98 -19.15
N ALA B 346 -11.00 -27.05 -18.45
CA ALA B 346 -10.00 -26.18 -19.06
C ALA B 346 -8.85 -26.95 -19.69
N CYS B 347 -8.38 -27.97 -18.98
CA CYS B 347 -7.18 -28.71 -19.39
C CYS B 347 -7.47 -30.17 -19.72
N ASN B 348 -8.69 -30.45 -20.19
CA ASN B 348 -9.06 -31.77 -20.69
C ASN B 348 -9.18 -31.75 -22.22
N PRO B 349 -8.31 -32.51 -22.92
CA PRO B 349 -7.26 -33.39 -22.40
C PRO B 349 -5.97 -32.65 -22.00
N ALA B 350 -5.83 -31.42 -22.48
CA ALA B 350 -4.68 -30.59 -22.15
C ALA B 350 -5.05 -29.10 -22.24
N CYS B 351 -4.16 -28.26 -21.70
CA CYS B 351 -4.27 -26.81 -21.89
C CYS B 351 -2.89 -26.18 -22.08
N PHE B 352 -2.84 -25.09 -22.82
CA PHE B 352 -1.65 -24.24 -22.89
C PHE B 352 -1.83 -23.08 -21.91
N ILE B 353 -0.90 -22.95 -20.98
CA ILE B 353 -0.98 -21.92 -19.93
C ILE B 353 0.01 -20.79 -20.20
N THR B 354 -0.52 -19.57 -20.22
CA THR B 354 0.26 -18.36 -20.34
C THR B 354 0.03 -17.51 -19.10
N GLN B 355 1.12 -17.16 -18.42
CA GLN B 355 1.03 -16.18 -17.34
C GLN B 355 0.89 -14.80 -17.97
N LEU B 356 -0.04 -14.02 -17.43
CA LEU B 356 -0.24 -12.64 -17.87
C LEU B 356 0.28 -11.63 -16.86
N LEU B 357 0.11 -11.92 -15.58
CA LEU B 357 0.54 -11.02 -14.52
C LEU B 357 1.26 -11.79 -13.41
N PRO B 358 2.28 -11.19 -12.77
CA PRO B 358 2.83 -9.83 -12.93
C PRO B 358 3.60 -9.57 -14.22
N VAL B 359 4.11 -10.61 -14.86
CA VAL B 359 4.74 -10.50 -16.18
C VAL B 359 4.13 -11.51 -17.15
N LYS B 360 4.26 -11.25 -18.45
CA LYS B 360 3.77 -12.19 -19.47
C LYS B 360 4.82 -13.24 -19.77
N ARG B 361 4.45 -14.50 -19.55
CA ARG B 361 5.35 -15.62 -19.76
C ARG B 361 4.55 -16.84 -20.19
N LYS B 362 4.99 -17.49 -21.26
CA LYS B 362 4.40 -18.77 -21.68
C LYS B 362 4.89 -19.87 -20.76
N LEU B 363 3.95 -20.61 -20.17
CA LEU B 363 4.29 -21.67 -19.22
C LEU B 363 4.27 -23.07 -19.85
N GLY B 364 3.59 -23.20 -20.99
CA GLY B 364 3.61 -24.43 -21.79
C GLY B 364 2.35 -25.27 -21.74
N PHE B 365 2.46 -26.51 -22.21
CA PHE B 365 1.34 -27.45 -22.20
C PHE B 365 1.23 -28.16 -20.87
N TYR B 366 -0.01 -28.28 -20.38
CA TYR B 366 -0.29 -28.98 -19.14
C TYR B 366 -1.35 -30.03 -19.40
N GLU B 367 -0.98 -31.29 -19.17
CA GLU B 367 -1.91 -32.42 -19.27
C GLU B 367 -2.94 -32.34 -18.16
N TRP B 368 -4.07 -33.01 -18.36
CA TRP B 368 -5.16 -32.98 -17.38
C TRP B 368 -4.77 -33.46 -15.97
N THR B 369 -3.81 -34.38 -15.90
CA THR B 369 -3.36 -34.96 -14.63
C THR B 369 -2.19 -34.21 -13.98
N SER B 370 -1.74 -33.13 -14.62
CA SER B 370 -0.52 -32.44 -14.19
C SER B 370 -0.78 -31.34 -13.15
N ARG B 371 0.30 -30.87 -12.52
CA ARG B 371 0.20 -29.84 -11.48
C ARG B 371 0.84 -28.52 -11.91
N LEU B 372 0.17 -27.43 -11.55
CA LEU B 372 0.65 -26.08 -11.83
C LEU B 372 1.25 -25.46 -10.56
N ARG B 373 2.47 -24.96 -10.68
CA ARG B 373 3.22 -24.46 -9.54
C ARG B 373 3.64 -23.01 -9.74
N SER B 374 3.19 -22.13 -8.84
CA SER B 374 3.54 -20.70 -8.92
C SER B 374 4.08 -20.16 -7.62
N HIS B 375 4.67 -18.98 -7.69
CA HIS B 375 5.10 -18.21 -6.53
C HIS B 375 4.41 -16.86 -6.59
N ILE B 376 3.79 -16.46 -5.49
CA ILE B 376 2.99 -15.24 -5.44
C ILE B 376 3.50 -14.25 -4.40
N ASN B 377 3.76 -13.02 -4.83
CA ASN B 377 4.23 -11.96 -3.94
C ASN B 377 3.18 -11.57 -2.92
N PRO B 378 3.60 -11.23 -1.68
CA PRO B 378 2.68 -10.68 -0.68
C PRO B 378 1.83 -9.55 -1.26
N THR B 379 0.51 -9.71 -1.15
CA THR B 379 -0.51 -8.76 -1.67
C THR B 379 -0.60 -8.69 -3.19
N GLY B 380 0.22 -9.52 -3.86
CA GLY B 380 0.20 -9.62 -5.31
C GLY B 380 -0.73 -10.71 -5.82
N THR B 381 -0.89 -10.75 -7.15
CA THR B 381 -1.70 -11.75 -7.82
C THR B 381 -0.95 -12.29 -9.04
N VAL B 382 -1.02 -13.60 -9.24
CA VAL B 382 -0.60 -14.22 -10.50
C VAL B 382 -1.87 -14.46 -11.32
N LEU B 383 -1.87 -13.91 -12.55
CA LEU B 383 -2.97 -14.09 -13.48
C LEU B 383 -2.52 -14.98 -14.63
N LEU B 384 -3.30 -16.03 -14.88
CA LEU B 384 -2.98 -17.02 -15.89
C LEU B 384 -4.14 -17.14 -16.85
N GLN B 385 -3.82 -17.40 -18.11
CA GLN B 385 -4.82 -17.73 -19.10
C GLN B 385 -4.61 -19.18 -19.54
N LEU B 386 -5.68 -19.96 -19.48
CA LEU B 386 -5.66 -21.37 -19.84
C LEU B 386 -6.41 -21.58 -21.15
N GLU B 387 -5.73 -22.14 -22.14
CA GLU B 387 -6.34 -22.39 -23.43
C GLU B 387 -6.49 -23.89 -23.65
N ASN B 388 -7.74 -24.34 -23.71
CA ASN B 388 -8.04 -25.74 -23.97
C ASN B 388 -7.45 -26.15 -25.32
N THR B 389 -6.77 -27.29 -25.33
CA THR B 389 -6.09 -27.77 -26.52
C THR B 389 -6.06 -29.28 -26.62
N MET B 390 -6.06 -29.76 -27.86
CA MET B 390 -5.97 -31.16 -28.15
C MET B 390 -4.50 -31.58 -28.24
N GLN B 391 -3.64 -30.63 -28.58
CA GLN B 391 -2.18 -30.83 -28.69
C GLN B 391 -1.51 -31.04 -27.33
N MET B 392 -0.35 -31.71 -27.33
CA MET B 392 0.48 -31.97 -26.13
C MET B 392 -0.26 -31.83 -24.79
#